data_9C19
#
_entry.id   9C19
#
_cell.length_a   49.260
_cell.length_b   171.377
_cell.length_c   196.381
_cell.angle_alpha   90.00
_cell.angle_beta   90.00
_cell.angle_gamma   90.00
#
_symmetry.space_group_name_H-M   'P 21 21 21'
#
loop_
_entity.id
_entity.type
_entity.pdbx_description
1 polymer 'Lipoyl synthase, mitochondrial'
2 polymer 'Glycine cleavage system H protein, mitochondrial'
3 non-polymer 'IRON/SULFUR CLUSTER'
4 non-polymer 'FE3-S4 CLUSTER'
5 non-polymer S-ADENOSYLMETHIONINE
6 non-polymer '6-THIOOCTANOIC ACID'
7 non-polymer 'PHOSPHATE ION'
8 water water
#
loop_
_entity_poly.entity_id
_entity_poly.type
_entity_poly.pdbx_seq_one_letter_code
_entity_poly.pdbx_strand_id
1 'polypeptide(L)'
;MSLRCGDAARTLGPRVFGRYFCSPVRPLSSLPDKKKELLQNGPDLQDFVSGDLADRSTWDEYKGNLKRQKGERLRLPPWL
KTEIPMGKNYNKLKNTLRNLNLHTVCEEARCPNIGECWGGGEYATATATIMLMGDTCTRGCRFCSVKTARNPPPLDASEP
YNTAKAIAEWGLDYVVLTSVDRDDMPDGGAEHIAKTVSYLKERNPKILVECLTPDFRGDLKAIEKVALSGLDVYAHNVET
VPELQSKVRDPRANFDQSLRVLKHAKKVQPDVISKTSIMLGLGENDEQVYATMKALREADVDCLTLGQYMQPTRRHLKVE
EYITPEKFKYWEKVGNELGFHYTASGPLVRSSYKAGEFFLKNLVAKRK
;
C,A,B
2 'polypeptide(L)'
;MALRVVRSVRALLCTLRAVPSPAAPCPPRPWQLGVGAVRTLRTGPALLSVRKFTEKHEWVTTENGIGTVGISNFAQEALG
DVVYCSLPEVGTKLNKQDEFGALESVKAASELYSPLSGEVTEINEALAENPGLVNKSCYEDGWLIKMTLSNPSELDELMS
EEAYEKYIKSIEE
;
F,D,E
#
# COMPACT_ATOMS: atom_id res chain seq x y z
N LEU A 74 18.31 45.61 27.53
CA LEU A 74 18.59 44.24 27.93
C LEU A 74 17.32 43.38 27.87
N ARG A 75 17.16 42.66 26.76
CA ARG A 75 16.01 41.79 26.56
C ARG A 75 16.50 40.40 26.18
N LEU A 76 15.75 39.38 26.61
CA LEU A 76 16.07 37.99 26.32
C LEU A 76 14.81 37.32 25.78
N PRO A 77 14.80 36.88 24.53
CA PRO A 77 13.57 36.35 23.93
C PRO A 77 13.43 34.85 24.16
N PRO A 78 12.22 34.31 24.02
CA PRO A 78 12.05 32.86 24.20
C PRO A 78 12.25 32.05 22.94
N TRP A 79 11.90 32.62 21.78
CA TRP A 79 11.99 31.88 20.52
C TRP A 79 13.38 31.87 19.93
N LEU A 80 14.37 32.43 20.60
CA LEU A 80 15.76 32.39 20.15
C LEU A 80 16.62 31.46 21.00
N LYS A 81 15.99 30.57 21.77
CA LYS A 81 16.73 29.63 22.60
C LYS A 81 17.16 28.41 21.79
N THR A 82 18.35 27.89 22.10
CA THR A 82 18.88 26.74 21.37
C THR A 82 19.31 25.66 22.36
N GLU A 83 19.98 24.62 21.86
CA GLU A 83 20.38 23.48 22.66
C GLU A 83 21.89 23.30 22.58
N ILE A 84 22.45 22.68 23.62
CA ILE A 84 23.87 22.35 23.64
C ILE A 84 24.16 21.31 22.57
N PRO A 85 25.22 21.47 21.78
CA PRO A 85 25.45 20.55 20.64
C PRO A 85 25.62 19.09 21.10
N MET A 86 24.80 18.22 20.54
CA MET A 86 24.92 16.78 20.73
C MET A 86 25.90 16.21 19.71
N GLY A 87 26.61 15.16 20.11
CA GLY A 87 27.69 14.65 19.28
C GLY A 87 27.49 13.28 18.70
N LYS A 88 26.36 13.04 18.03
CA LYS A 88 26.16 11.77 17.34
C LYS A 88 26.82 11.80 15.96
N ASN A 89 26.36 12.68 15.08
CA ASN A 89 26.98 12.91 13.78
C ASN A 89 27.78 14.20 13.76
N TYR A 90 27.99 14.82 14.92
CA TYR A 90 28.55 16.16 15.01
C TYR A 90 30.07 16.15 15.24
N ASN A 91 30.57 15.20 16.04
CA ASN A 91 32.00 15.13 16.27
C ASN A 91 32.76 14.68 15.03
N LYS A 92 32.09 14.04 14.06
CA LYS A 92 32.73 13.72 12.80
C LYS A 92 33.13 15.00 12.06
N LEU A 93 32.26 16.01 12.08
CA LEU A 93 32.59 17.28 11.44
C LEU A 93 33.59 18.06 12.28
N LYS A 94 33.48 17.99 13.61
CA LYS A 94 34.36 18.76 14.47
C LYS A 94 35.79 18.22 14.42
N ASN A 95 35.94 16.89 14.34
CA ASN A 95 37.27 16.31 14.24
C ASN A 95 37.86 16.43 12.85
N THR A 96 37.02 16.54 11.82
CA THR A 96 37.53 16.70 10.47
C THR A 96 38.08 18.11 10.26
N LEU A 97 37.45 19.11 10.87
CA LEU A 97 37.94 20.48 10.74
C LEU A 97 39.29 20.67 11.41
N ARG A 98 39.55 19.95 12.50
CA ARG A 98 40.84 20.07 13.18
C ARG A 98 41.91 19.16 12.57
N ASN A 99 41.51 18.09 11.88
CA ASN A 99 42.49 17.25 11.21
C ASN A 99 43.13 17.97 10.03
N LEU A 100 42.35 18.78 9.32
CA LEU A 100 42.86 19.57 8.20
C LEU A 100 43.20 20.99 8.59
N ASN A 101 43.11 21.32 9.88
CA ASN A 101 43.40 22.67 10.40
C ASN A 101 42.53 23.72 9.69
N LEU A 102 41.26 23.37 9.48
CA LEU A 102 40.29 24.28 8.89
C LEU A 102 39.45 24.94 9.97
N HIS A 103 38.91 26.11 9.64
CA HIS A 103 38.06 26.87 10.54
C HIS A 103 36.66 26.96 9.96
N THR A 104 35.72 27.41 10.81
CA THR A 104 34.34 27.58 10.39
C THR A 104 33.78 28.83 11.07
N VAL A 105 32.83 29.48 10.38
CA VAL A 105 32.23 30.69 10.92
C VAL A 105 31.23 30.38 12.03
N CYS A 106 30.78 29.13 12.14
CA CYS A 106 29.84 28.77 13.19
C CYS A 106 30.48 28.88 14.57
N GLU A 107 31.71 28.38 14.72
CA GLU A 107 32.36 28.41 16.03
C GLU A 107 32.85 29.81 16.37
N GLU A 108 33.32 30.57 15.37
CA GLU A 108 33.88 31.89 15.64
C GLU A 108 32.78 32.91 15.93
N ALA A 109 31.72 32.92 15.14
CA ALA A 109 30.61 33.84 15.37
C ALA A 109 29.69 33.40 16.49
N ARG A 110 29.90 32.19 17.03
CA ARG A 110 29.10 31.66 18.14
C ARG A 110 27.62 31.61 17.78
N CYS A 111 27.30 30.82 16.75
CA CYS A 111 25.93 30.72 16.26
C CYS A 111 25.12 29.79 17.15
N PRO A 112 23.87 30.14 17.46
CA PRO A 112 23.03 29.22 18.23
C PRO A 112 22.56 28.01 17.43
N ASN A 113 22.54 28.10 16.10
CA ASN A 113 22.09 27.00 15.25
C ASN A 113 23.20 25.99 14.95
N ILE A 114 24.20 25.89 15.82
CA ILE A 114 25.30 24.96 15.57
C ILE A 114 24.80 23.52 15.61
N GLY A 115 23.92 23.20 16.57
CA GLY A 115 23.43 21.84 16.68
C GLY A 115 22.50 21.44 15.54
N GLU A 116 21.72 22.40 15.03
CA GLU A 116 20.76 22.08 13.98
C GLU A 116 21.45 21.91 12.62
N CYS A 117 22.47 22.72 12.35
CA CYS A 117 23.13 22.65 11.05
C CYS A 117 24.16 21.52 11.00
N TRP A 118 24.86 21.27 12.10
CA TRP A 118 25.88 20.24 12.12
C TRP A 118 25.32 18.85 12.34
N GLY A 119 24.06 18.74 12.78
CA GLY A 119 23.46 17.44 13.01
C GLY A 119 21.99 17.38 12.61
N GLY A 120 21.71 16.68 11.52
CA GLY A 120 20.33 16.57 11.07
C GLY A 120 19.50 15.72 12.03
N GLY A 121 18.39 16.28 12.47
CA GLY A 121 17.50 15.59 13.40
C GLY A 121 16.85 14.36 12.78
N GLU A 122 16.10 14.56 11.71
CA GLU A 122 15.43 13.44 11.04
C GLU A 122 16.13 13.10 9.74
N TYR A 123 15.95 13.95 8.72
CA TYR A 123 16.57 13.75 7.40
C TYR A 123 17.06 15.09 6.88
N ALA A 124 18.12 15.61 7.51
CA ALA A 124 18.79 16.82 7.06
C ALA A 124 20.27 16.52 6.94
N THR A 125 20.81 16.68 5.73
CA THR A 125 22.24 16.42 5.52
C THR A 125 23.08 17.36 6.35
N ALA A 126 23.93 16.80 7.21
CA ALA A 126 24.77 17.59 8.11
C ALA A 126 25.73 18.47 7.31
N THR A 127 25.47 19.78 7.31
CA THR A 127 26.28 20.73 6.56
C THR A 127 27.01 21.65 7.52
N ALA A 128 27.87 22.50 6.96
CA ALA A 128 28.69 23.42 7.74
C ALA A 128 29.08 24.60 6.86
N THR A 129 29.88 25.51 7.43
CA THR A 129 30.33 26.72 6.74
C THR A 129 31.82 26.89 7.05
N ILE A 130 32.67 26.28 6.22
CA ILE A 130 34.11 26.39 6.40
C ILE A 130 34.52 27.85 6.14
N MET A 131 35.10 28.49 7.14
CA MET A 131 35.58 29.86 7.01
C MET A 131 37.05 29.82 6.62
N LEU A 132 37.39 30.40 5.48
CA LEU A 132 38.72 30.31 4.93
C LEU A 132 39.63 31.41 5.49
N MET A 133 40.93 31.24 5.28
CA MET A 133 41.95 32.25 5.56
C MET A 133 42.01 32.58 7.05
N GLY A 134 42.03 31.53 7.87
CA GLY A 134 42.21 31.69 9.30
C GLY A 134 40.96 32.14 10.02
N ASP A 135 41.08 32.23 11.34
CA ASP A 135 39.98 32.62 12.21
C ASP A 135 40.07 34.07 12.66
N THR A 136 40.91 34.87 12.00
CA THR A 136 41.11 36.27 12.38
C THR A 136 40.88 37.14 11.16
N CYS A 137 40.03 38.15 11.30
CA CYS A 137 39.66 39.05 10.22
C CYS A 137 40.44 40.36 10.33
N THR A 138 40.71 40.97 9.16
CA THR A 138 41.38 42.26 9.14
C THR A 138 40.44 43.42 9.47
N ARG A 139 39.14 43.18 9.50
CA ARG A 139 38.15 44.21 9.81
C ARG A 139 37.53 43.95 11.18
N GLY A 140 36.99 45.01 11.76
CA GLY A 140 36.33 44.91 13.04
C GLY A 140 34.88 45.33 13.00
N CYS A 141 34.00 44.44 12.53
CA CYS A 141 32.58 44.73 12.51
C CYS A 141 32.00 44.61 13.90
N ARG A 142 31.12 45.55 14.25
CA ARG A 142 30.60 45.62 15.62
C ARG A 142 29.60 44.50 15.93
N PHE A 143 29.06 43.83 14.91
CA PHE A 143 28.11 42.75 15.11
C PHE A 143 28.74 41.37 15.06
N CYS A 144 30.03 41.29 14.76
CA CYS A 144 30.71 40.01 14.53
C CYS A 144 31.76 39.79 15.61
N SER A 145 31.84 38.56 16.11
CA SER A 145 32.76 38.19 17.18
C SER A 145 34.04 37.54 16.66
N VAL A 146 34.23 37.47 15.34
CA VAL A 146 35.46 36.92 14.80
C VAL A 146 36.63 37.82 15.19
N LYS A 147 37.73 37.20 15.60
CA LYS A 147 38.90 37.94 16.06
C LYS A 147 39.38 38.92 15.00
N THR A 148 39.94 40.04 15.46
CA THR A 148 40.41 41.10 14.59
C THR A 148 41.87 41.40 14.91
N ALA A 149 42.72 41.38 13.90
CA ALA A 149 44.13 41.71 14.05
C ALA A 149 44.57 42.58 12.88
N ARG A 150 45.56 43.44 13.15
CA ARG A 150 46.07 44.33 12.11
C ARG A 150 46.74 43.55 10.98
N ASN A 151 47.50 42.51 11.33
CA ASN A 151 48.17 41.66 10.35
C ASN A 151 47.98 40.21 10.73
N PRO A 152 47.04 39.51 10.12
CA PRO A 152 46.78 38.11 10.45
C PRO A 152 47.89 37.22 9.90
N PRO A 153 47.92 35.95 10.29
CA PRO A 153 48.91 35.02 9.73
C PRO A 153 48.75 34.87 8.23
N PRO A 154 49.79 34.43 7.52
CA PRO A 154 49.71 34.33 6.06
C PRO A 154 48.71 33.28 5.58
N LEU A 155 48.53 33.20 4.26
CA LEU A 155 47.61 32.23 3.69
C LEU A 155 48.17 30.82 3.79
N ASP A 156 47.27 29.85 3.97
CA ASP A 156 47.62 28.44 3.97
C ASP A 156 47.33 27.89 2.58
N ALA A 157 48.37 27.48 1.87
CA ALA A 157 48.19 26.99 0.51
C ALA A 157 47.40 25.70 0.46
N SER A 158 47.47 24.89 1.52
CA SER A 158 46.77 23.62 1.57
C SER A 158 45.29 23.77 1.96
N GLU A 159 44.84 24.98 2.25
CA GLU A 159 43.44 25.17 2.65
C GLU A 159 42.46 24.90 1.51
N PRO A 160 42.66 25.40 0.29
CA PRO A 160 41.72 25.06 -0.79
C PRO A 160 41.67 23.57 -1.09
N TYR A 161 42.78 22.86 -0.99
CA TYR A 161 42.79 21.43 -1.27
C TYR A 161 42.15 20.64 -0.14
N ASN A 162 42.46 20.97 1.12
CA ASN A 162 41.88 20.26 2.25
C ASN A 162 40.38 20.48 2.33
N THR A 163 39.91 21.68 1.99
CA THR A 163 38.47 21.96 2.03
C THR A 163 37.71 21.06 1.06
N ALA A 164 38.24 20.87 -0.15
CA ALA A 164 37.57 20.04 -1.13
C ALA A 164 37.45 18.60 -0.67
N LYS A 165 38.42 18.12 0.13
CA LYS A 165 38.36 16.75 0.62
C LYS A 165 37.32 16.60 1.71
N ALA A 166 37.28 17.53 2.67
CA ALA A 166 36.35 17.43 3.79
C ALA A 166 34.91 17.56 3.33
N ILE A 167 34.64 18.38 2.31
CA ILE A 167 33.27 18.56 1.85
C ILE A 167 32.77 17.31 1.14
N ALA A 168 33.61 16.75 0.25
CA ALA A 168 33.26 15.50 -0.40
C ALA A 168 33.23 14.33 0.57
N GLU A 169 33.96 14.43 1.68
CA GLU A 169 33.92 13.38 2.70
C GLU A 169 32.59 13.36 3.43
N TRP A 170 32.02 14.54 3.69
CA TRP A 170 30.77 14.66 4.44
C TRP A 170 29.54 14.33 3.59
N GLY A 171 29.72 14.02 2.32
CA GLY A 171 28.59 13.66 1.47
C GLY A 171 27.60 14.77 1.22
N LEU A 172 28.09 15.99 0.98
CA LEU A 172 27.24 17.14 0.73
C LEU A 172 26.95 17.27 -0.75
N ASP A 173 25.67 17.51 -1.09
CA ASP A 173 25.28 17.89 -2.43
C ASP A 173 25.21 19.40 -2.61
N TYR A 174 25.22 20.16 -1.50
CA TYR A 174 25.22 21.61 -1.52
C TYR A 174 26.10 22.09 -0.38
N VAL A 175 27.09 22.92 -0.69
CA VAL A 175 28.00 23.45 0.31
C VAL A 175 28.07 24.96 0.16
N VAL A 176 28.29 25.65 1.27
CA VAL A 176 28.48 27.09 1.31
C VAL A 176 29.84 27.38 1.92
N LEU A 177 30.59 28.27 1.28
CA LEU A 177 31.93 28.64 1.73
C LEU A 177 31.98 30.14 1.99
N THR A 178 32.67 30.50 3.07
CA THR A 178 32.86 31.90 3.43
C THR A 178 34.30 32.07 3.92
N SER A 179 34.67 33.32 4.20
CA SER A 179 36.02 33.61 4.68
C SER A 179 36.01 34.97 5.36
N VAL A 180 37.02 35.18 6.21
CA VAL A 180 37.23 36.51 6.78
C VAL A 180 37.78 37.45 5.72
N ASP A 181 37.63 38.75 5.97
CA ASP A 181 38.20 39.73 5.07
C ASP A 181 39.71 39.81 5.26
N ARG A 182 40.43 39.82 4.15
CA ARG A 182 41.89 39.88 4.17
C ARG A 182 42.33 41.11 3.38
N ASP A 183 42.16 42.29 3.99
CA ASP A 183 42.54 43.53 3.32
C ASP A 183 44.05 43.65 3.13
N ASP A 184 44.84 42.82 3.82
CA ASP A 184 46.28 42.81 3.61
C ASP A 184 46.69 42.11 2.32
N MET A 185 45.83 41.22 1.80
CA MET A 185 46.13 40.54 0.55
C MET A 185 45.86 41.48 -0.63
N PRO A 186 46.69 41.45 -1.67
CA PRO A 186 46.47 42.35 -2.82
C PRO A 186 45.13 42.14 -3.49
N ASP A 187 44.78 40.89 -3.81
CA ASP A 187 43.50 40.58 -4.42
C ASP A 187 42.40 40.34 -3.39
N GLY A 188 42.70 40.50 -2.11
CA GLY A 188 41.73 40.22 -1.07
C GLY A 188 41.39 38.75 -0.90
N GLY A 189 42.13 37.87 -1.54
CA GLY A 189 41.85 36.44 -1.46
C GLY A 189 40.93 35.91 -2.54
N ALA A 190 40.76 36.64 -3.63
CA ALA A 190 39.89 36.17 -4.71
C ALA A 190 40.46 34.91 -5.37
N GLU A 191 41.79 34.86 -5.54
CA GLU A 191 42.41 33.68 -6.12
C GLU A 191 42.36 32.50 -5.16
N HIS A 192 42.46 32.76 -3.85
CA HIS A 192 42.43 31.68 -2.87
C HIS A 192 41.04 31.08 -2.77
N ILE A 193 39.99 31.91 -2.88
CA ILE A 193 38.63 31.39 -2.88
C ILE A 193 38.34 30.65 -4.17
N ALA A 194 38.82 31.18 -5.30
CA ALA A 194 38.55 30.55 -6.59
C ALA A 194 39.19 29.16 -6.68
N LYS A 195 40.36 28.99 -6.06
CA LYS A 195 40.99 27.67 -6.05
C LYS A 195 40.24 26.70 -5.15
N THR A 196 39.59 27.20 -4.11
CA THR A 196 38.79 26.32 -3.25
C THR A 196 37.54 25.83 -3.98
N VAL A 197 36.94 26.69 -4.80
CA VAL A 197 35.78 26.29 -5.58
C VAL A 197 36.18 25.42 -6.76
N SER A 198 37.33 25.71 -7.37
CA SER A 198 37.80 24.91 -8.51
C SER A 198 38.15 23.50 -8.06
N TYR A 199 38.89 23.36 -6.97
CA TYR A 199 39.22 22.04 -6.44
C TYR A 199 37.96 21.28 -6.04
N LEU A 200 36.93 21.99 -5.59
CA LEU A 200 35.71 21.33 -5.14
C LEU A 200 34.79 20.96 -6.29
N LYS A 201 34.80 21.74 -7.37
CA LYS A 201 33.95 21.44 -8.52
C LYS A 201 34.62 20.41 -9.44
N GLU A 202 35.94 20.47 -9.58
CA GLU A 202 36.63 19.46 -10.39
CA GLU A 202 36.62 19.46 -10.39
C GLU A 202 36.52 18.08 -9.75
N ARG A 203 36.52 18.02 -8.42
CA ARG A 203 36.36 16.75 -7.72
C ARG A 203 34.93 16.24 -7.85
N ASN A 204 33.95 17.10 -7.59
CA ASN A 204 32.53 16.73 -7.68
C ASN A 204 31.81 17.76 -8.52
N PRO A 205 31.63 17.49 -9.83
CA PRO A 205 30.97 18.49 -10.69
C PRO A 205 29.51 18.74 -10.35
N LYS A 206 28.83 17.77 -9.73
CA LYS A 206 27.42 17.90 -9.44
C LYS A 206 27.14 18.55 -8.08
N ILE A 207 28.17 18.86 -7.30
CA ILE A 207 27.96 19.53 -6.03
C ILE A 207 27.69 21.02 -6.27
N LEU A 208 26.88 21.61 -5.40
CA LEU A 208 26.53 23.02 -5.51
C LEU A 208 27.33 23.81 -4.49
N VAL A 209 27.93 24.90 -4.93
CA VAL A 209 28.79 25.73 -4.09
C VAL A 209 28.18 27.12 -3.98
N GLU A 210 28.21 27.68 -2.77
CA GLU A 210 27.82 29.05 -2.52
C GLU A 210 28.94 29.76 -1.77
N CYS A 211 29.34 30.91 -2.28
CA CYS A 211 30.43 31.69 -1.69
C CYS A 211 29.86 32.94 -1.06
N LEU A 212 30.03 33.06 0.26
CA LEU A 212 29.73 34.30 0.97
C LEU A 212 31.01 35.14 0.92
N THR A 213 31.09 35.99 -0.10
CA THR A 213 32.25 36.77 -0.52
C THR A 213 32.30 38.12 0.19
N PRO A 214 33.46 38.51 0.69
CA PRO A 214 33.65 39.88 1.16
C PRO A 214 33.59 40.87 0.01
N ASP A 215 33.42 42.15 0.36
CA ASP A 215 33.26 43.18 -0.65
C ASP A 215 34.54 43.43 -1.45
N PHE A 216 35.69 42.98 -0.95
CA PHE A 216 36.99 43.20 -1.59
C PHE A 216 37.30 44.68 -1.79
N ARG A 217 36.70 45.55 -0.96
CA ARG A 217 36.76 47.00 -1.13
C ARG A 217 36.38 47.43 -2.54
N GLY A 218 35.43 46.76 -3.16
CA GLY A 218 34.97 47.16 -4.48
C GLY A 218 35.89 46.80 -5.61
N ASP A 219 36.80 45.84 -5.41
CA ASP A 219 37.74 45.43 -6.46
C ASP A 219 36.97 44.62 -7.51
N LEU A 220 36.69 45.24 -8.65
CA LEU A 220 35.91 44.58 -9.69
C LEU A 220 36.64 43.38 -10.29
N LYS A 221 37.97 43.40 -10.28
CA LYS A 221 38.73 42.26 -10.78
C LYS A 221 38.68 41.10 -9.79
N ALA A 222 38.71 41.40 -8.49
CA ALA A 222 38.63 40.33 -7.48
C ALA A 222 37.24 39.70 -7.46
N ILE A 223 36.20 40.51 -7.62
CA ILE A 223 34.84 39.98 -7.68
C ILE A 223 34.66 39.12 -8.94
N GLU A 224 35.24 39.56 -10.05
CA GLU A 224 35.15 38.79 -11.30
C GLU A 224 35.86 37.45 -11.17
N LYS A 225 36.97 37.40 -10.42
CA LYS A 225 37.71 36.15 -10.30
C LYS A 225 36.93 35.11 -9.50
N VAL A 226 36.17 35.55 -8.50
CA VAL A 226 35.37 34.62 -7.71
C VAL A 226 34.12 34.19 -8.48
N ALA A 227 33.49 35.13 -9.18
CA ALA A 227 32.26 34.82 -9.91
C ALA A 227 32.50 33.92 -11.11
N LEU A 228 33.72 33.88 -11.63
CA LEU A 228 34.06 33.04 -12.79
C LEU A 228 34.74 31.74 -12.38
N SER A 229 34.66 31.35 -11.11
CA SER A 229 35.26 30.13 -10.63
C SER A 229 34.30 28.94 -10.68
N GLY A 230 33.30 28.98 -11.56
CA GLY A 230 32.29 27.94 -11.58
C GLY A 230 31.30 28.05 -10.43
N LEU A 231 31.03 29.26 -9.95
CA LEU A 231 30.19 29.46 -8.79
C LEU A 231 28.72 29.30 -9.17
N ASP A 232 27.95 28.71 -8.26
CA ASP A 232 26.52 28.51 -8.48
C ASP A 232 25.70 29.67 -7.93
N VAL A 233 25.96 30.07 -6.68
CA VAL A 233 25.26 31.18 -6.04
C VAL A 233 26.30 32.11 -5.45
N TYR A 234 26.36 33.34 -5.97
CA TYR A 234 27.23 34.37 -5.44
C TYR A 234 26.51 35.11 -4.32
N ALA A 235 27.13 35.16 -3.14
CA ALA A 235 26.51 35.73 -1.96
C ALA A 235 27.41 36.80 -1.35
N HIS A 236 26.86 37.98 -1.14
CA HIS A 236 27.52 39.05 -0.39
C HIS A 236 26.45 39.85 0.33
N ASN A 237 26.62 40.03 1.63
CA ASN A 237 25.57 40.60 2.47
C ASN A 237 25.72 42.11 2.62
N VAL A 238 24.59 42.82 2.56
CA VAL A 238 24.56 44.22 2.97
C VAL A 238 24.36 44.36 4.47
N GLU A 239 24.07 43.26 5.17
CA GLU A 239 23.97 43.21 6.63
C GLU A 239 22.82 44.04 7.18
N THR A 240 22.79 45.34 6.90
CA THR A 240 21.75 46.20 7.44
C THR A 240 21.38 47.27 6.43
N VAL A 241 20.44 48.13 6.81
CA VAL A 241 19.94 49.20 5.95
C VAL A 241 21.03 50.25 5.78
N PRO A 242 20.96 51.09 4.74
CA PRO A 242 22.05 52.06 4.52
C PRO A 242 22.27 53.02 5.68
N GLU A 243 21.22 53.41 6.40
CA GLU A 243 21.37 54.35 7.50
C GLU A 243 22.17 53.79 8.67
N LEU A 244 22.41 52.48 8.71
CA LEU A 244 23.13 51.85 9.80
C LEU A 244 24.42 51.18 9.35
N GLN A 245 24.94 51.56 8.18
CA GLN A 245 26.17 50.95 7.69
C GLN A 245 27.37 51.38 8.51
N SER A 246 27.40 52.64 8.96
CA SER A 246 28.56 53.16 9.67
C SER A 246 28.67 52.60 11.08
N LYS A 247 27.54 52.33 11.73
CA LYS A 247 27.56 51.85 13.11
C LYS A 247 27.72 50.33 13.21
N VAL A 248 27.24 49.58 12.22
CA VAL A 248 27.21 48.13 12.28
C VAL A 248 28.42 47.52 11.59
N ARG A 249 28.81 48.05 10.44
CA ARG A 249 29.86 47.45 9.62
C ARG A 249 31.14 48.28 9.68
N ASP A 250 32.24 47.64 9.32
CA ASP A 250 33.52 48.32 9.23
C ASP A 250 33.43 49.42 8.16
N PRO A 251 34.05 50.59 8.40
CA PRO A 251 33.94 51.69 7.43
C PRO A 251 34.45 51.32 6.03
N ARG A 252 35.29 50.30 5.90
CA ARG A 252 35.71 49.86 4.58
C ARG A 252 34.59 49.17 3.80
N ALA A 253 33.44 48.93 4.43
CA ALA A 253 32.28 48.37 3.78
C ALA A 253 31.11 49.33 3.91
N ASN A 254 30.42 49.58 2.79
CA ASN A 254 29.25 50.43 2.79
C ASN A 254 28.15 49.77 1.97
N PHE A 255 26.97 50.39 1.97
CA PHE A 255 25.81 49.80 1.30
C PHE A 255 25.99 49.79 -0.22
N ASP A 256 26.34 50.94 -0.80
CA ASP A 256 26.49 51.02 -2.25
C ASP A 256 27.62 50.12 -2.74
N GLN A 257 28.64 49.89 -1.90
CA GLN A 257 29.74 49.01 -2.29
C GLN A 257 29.29 47.56 -2.36
N SER A 258 28.47 47.14 -1.39
CA SER A 258 27.98 45.76 -1.39
C SER A 258 27.06 45.49 -2.57
N LEU A 259 26.29 46.50 -3.01
CA LEU A 259 25.44 46.32 -4.17
C LEU A 259 26.27 46.19 -5.45
N ARG A 260 27.39 46.92 -5.53
CA ARG A 260 28.26 46.80 -6.69
C ARG A 260 28.98 45.45 -6.74
N VAL A 261 29.01 44.72 -5.62
CA VAL A 261 29.56 43.37 -5.64
C VAL A 261 28.55 42.42 -6.29
N LEU A 262 27.28 42.56 -5.95
CA LEU A 262 26.24 41.70 -6.52
C LEU A 262 25.91 42.08 -7.96
N LYS A 263 25.92 43.39 -8.27
CA LYS A 263 25.64 43.83 -9.63
C LYS A 263 26.72 43.35 -10.59
N HIS A 264 27.99 43.50 -10.21
CA HIS A 264 29.07 43.12 -11.11
C HIS A 264 29.12 41.61 -11.33
N ALA A 265 28.75 40.83 -10.31
CA ALA A 265 28.70 39.38 -10.48
C ALA A 265 27.65 38.98 -11.51
N LYS A 266 26.61 39.80 -11.69
CA LYS A 266 25.62 39.54 -12.72
C LYS A 266 26.12 39.96 -14.11
N LYS A 267 26.94 41.00 -14.19
CA LYS A 267 27.46 41.41 -15.49
C LYS A 267 28.50 40.43 -16.00
N VAL A 268 29.44 40.03 -15.14
CA VAL A 268 30.50 39.12 -15.58
C VAL A 268 29.96 37.71 -15.78
N GLN A 269 29.00 37.31 -14.96
CA GLN A 269 28.42 35.96 -15.03
C GLN A 269 26.90 36.13 -15.05
N PRO A 270 26.30 36.27 -16.23
CA PRO A 270 24.85 36.54 -16.29
C PRO A 270 23.99 35.43 -15.72
N ASP A 271 24.44 34.18 -15.77
CA ASP A 271 23.64 33.06 -15.28
C ASP A 271 23.89 32.74 -13.80
N VAL A 272 24.57 33.63 -13.07
CA VAL A 272 24.82 33.40 -11.66
C VAL A 272 23.56 33.75 -10.86
N ILE A 273 23.49 33.23 -9.65
CA ILE A 273 22.39 33.49 -8.73
C ILE A 273 22.91 34.39 -7.62
N SER A 274 22.29 35.56 -7.48
CA SER A 274 22.67 36.52 -6.45
C SER A 274 21.92 36.22 -5.15
N LYS A 275 22.57 36.51 -4.03
CA LYS A 275 22.00 36.25 -2.72
C LYS A 275 22.63 37.20 -1.71
N THR A 276 21.80 37.70 -0.80
CA THR A 276 22.28 38.61 0.24
C THR A 276 21.48 38.37 1.52
N SER A 277 22.01 38.87 2.63
CA SER A 277 21.40 38.67 3.93
C SER A 277 21.41 39.98 4.70
N ILE A 278 20.26 40.33 5.28
CA ILE A 278 20.11 41.52 6.09
C ILE A 278 19.75 41.10 7.51
N MET A 279 20.10 41.95 8.47
CA MET A 279 19.88 41.67 9.88
C MET A 279 18.91 42.69 10.46
N LEU A 280 17.99 42.22 11.29
CA LEU A 280 17.01 43.06 11.95
C LEU A 280 17.29 43.13 13.44
N GLY A 281 16.93 44.26 14.05
CA GLY A 281 17.19 44.50 15.44
C GLY A 281 18.33 45.47 15.73
N LEU A 282 18.88 46.12 14.71
CA LEU A 282 20.00 47.05 14.87
C LEU A 282 19.54 48.51 14.91
N GLY A 283 18.25 48.75 15.14
CA GLY A 283 17.71 50.09 15.15
C GLY A 283 16.98 50.50 13.89
N GLU A 284 16.81 49.59 12.94
CA GLU A 284 16.11 49.91 11.70
C GLU A 284 14.60 49.90 11.92
N ASN A 285 13.89 50.58 11.02
CA ASN A 285 12.44 50.62 11.04
C ASN A 285 11.89 49.96 9.78
N ASP A 286 10.57 49.74 9.77
CA ASP A 286 9.93 49.06 8.65
C ASP A 286 10.08 49.85 7.35
N GLU A 287 10.10 51.18 7.43
CA GLU A 287 10.24 52.00 6.23
C GLU A 287 11.62 51.83 5.61
N GLN A 288 12.66 51.73 6.44
CA GLN A 288 14.01 51.58 5.92
C GLN A 288 14.23 50.20 5.31
N VAL A 289 13.59 49.16 5.87
CA VAL A 289 13.77 47.81 5.37
C VAL A 289 13.13 47.66 3.99
N TYR A 290 11.96 48.28 3.78
CA TYR A 290 11.27 48.14 2.51
C TYR A 290 12.08 48.77 1.37
N ALA A 291 12.72 49.92 1.64
CA ALA A 291 13.51 50.56 0.60
C ALA A 291 14.77 49.75 0.27
N THR A 292 15.32 49.03 1.24
CA THR A 292 16.50 48.22 0.98
C THR A 292 16.17 47.04 0.08
N MET A 293 15.08 46.33 0.38
CA MET A 293 14.69 45.20 -0.44
C MET A 293 14.31 45.63 -1.84
N LYS A 294 13.65 46.79 -1.97
CA LYS A 294 13.29 47.30 -3.29
C LYS A 294 14.53 47.73 -4.07
N ALA A 295 15.54 48.27 -3.38
CA ALA A 295 16.79 48.61 -4.05
C ALA A 295 17.56 47.36 -4.45
N LEU A 296 17.46 46.29 -3.66
CA LEU A 296 18.10 45.04 -4.03
C LEU A 296 17.48 44.43 -5.28
N ARG A 297 16.16 44.57 -5.43
CA ARG A 297 15.52 44.08 -6.64
C ARG A 297 15.92 44.91 -7.86
N GLU A 298 16.16 46.20 -7.67
CA GLU A 298 16.66 47.03 -8.75
C GLU A 298 18.09 46.66 -9.13
N ALA A 299 18.84 46.07 -8.21
CA ALA A 299 20.16 45.51 -8.50
C ALA A 299 20.08 44.10 -9.08
N ASP A 300 18.87 43.63 -9.40
CA ASP A 300 18.64 42.29 -9.94
C ASP A 300 19.16 41.20 -9.00
N VAL A 301 19.07 41.44 -7.70
CA VAL A 301 19.45 40.42 -6.71
C VAL A 301 18.34 39.37 -6.65
N ASP A 302 18.73 38.10 -6.71
CA ASP A 302 17.75 37.03 -6.80
C ASP A 302 17.19 36.65 -5.43
N CYS A 303 18.07 36.41 -4.46
CA CYS A 303 17.69 35.84 -3.18
C CYS A 303 17.90 36.84 -2.05
N LEU A 304 17.22 36.60 -0.93
CA LEU A 304 17.27 37.48 0.22
C LEU A 304 17.14 36.65 1.49
N THR A 305 17.80 37.11 2.55
CA THR A 305 17.76 36.46 3.85
C THR A 305 17.58 37.51 4.94
N LEU A 306 16.61 37.29 5.81
CA LEU A 306 16.33 38.20 6.92
C LEU A 306 16.40 37.42 8.22
N GLY A 307 17.14 37.94 9.20
CA GLY A 307 17.30 37.26 10.47
C GLY A 307 17.44 38.25 11.61
N GLN A 308 17.22 37.73 12.82
CA GLN A 308 17.29 38.57 14.02
C GLN A 308 18.74 38.65 14.49
N TYR A 309 19.24 39.87 14.66
CA TYR A 309 20.58 40.07 15.18
C TYR A 309 20.64 39.67 16.65
N MET A 310 21.61 38.85 17.01
CA MET A 310 21.82 38.42 18.39
C MET A 310 23.22 38.83 18.82
N GLN A 311 23.33 39.33 20.04
CA GLN A 311 24.59 39.87 20.53
C GLN A 311 25.60 38.75 20.76
N PRO A 312 26.75 38.76 20.07
CA PRO A 312 27.71 37.66 20.27
C PRO A 312 28.40 37.70 21.61
N THR A 313 28.82 38.88 22.06
CA THR A 313 29.54 39.03 23.31
C THR A 313 29.16 40.37 23.93
N ARG A 314 29.40 40.50 25.24
CA ARG A 314 29.10 41.73 25.94
C ARG A 314 29.82 42.93 25.33
N ARG A 315 30.98 42.70 24.70
CA ARG A 315 31.75 43.79 24.11
C ARG A 315 31.15 44.31 22.80
N HIS A 316 30.20 43.60 22.20
CA HIS A 316 29.65 43.98 20.92
C HIS A 316 28.35 44.77 21.11
N LEU A 317 27.65 45.04 20.01
CA LEU A 317 26.46 45.88 20.05
C LEU A 317 25.31 45.19 20.75
N LYS A 318 24.51 45.96 21.48
CA LYS A 318 23.30 45.46 22.11
C LYS A 318 22.17 45.39 21.09
N VAL A 319 21.23 44.47 21.33
CA VAL A 319 20.09 44.33 20.44
C VAL A 319 19.10 45.46 20.72
N GLU A 320 18.55 46.04 19.66
CA GLU A 320 17.66 47.19 19.82
C GLU A 320 16.19 46.79 19.86
N GLU A 321 15.77 45.85 19.01
CA GLU A 321 14.37 45.43 18.97
C GLU A 321 14.31 44.00 18.43
N TYR A 322 13.73 43.10 19.23
CA TYR A 322 13.51 41.73 18.79
C TYR A 322 12.28 41.68 17.89
N ILE A 323 12.50 41.45 16.60
CA ILE A 323 11.40 41.43 15.65
C ILE A 323 10.54 40.19 15.90
N THR A 324 9.22 40.39 15.91
CA THR A 324 8.30 39.29 16.18
C THR A 324 8.34 38.27 15.04
N PRO A 325 8.11 36.99 15.35
CA PRO A 325 8.06 35.98 14.27
C PRO A 325 6.95 36.24 13.27
N GLU A 326 5.87 36.92 13.67
CA GLU A 326 4.81 37.25 12.73
C GLU A 326 5.27 38.29 11.73
N LYS A 327 6.02 39.29 12.18
CA LYS A 327 6.57 40.28 11.26
C LYS A 327 7.66 39.67 10.39
N PHE A 328 8.43 38.71 10.93
CA PHE A 328 9.39 37.98 10.12
C PHE A 328 8.71 37.26 8.97
N LYS A 329 7.51 36.72 9.21
CA LYS A 329 6.73 36.11 8.14
C LYS A 329 6.15 37.15 7.19
N TYR A 330 5.95 38.38 7.66
CA TYR A 330 5.42 39.43 6.80
C TYR A 330 6.41 39.77 5.69
N TRP A 331 7.68 39.96 6.04
CA TRP A 331 8.69 40.28 5.04
C TRP A 331 8.88 39.16 4.03
N GLU A 332 8.51 37.93 4.38
CA GLU A 332 8.58 36.83 3.41
C GLU A 332 7.59 37.03 2.28
N LYS A 333 6.41 37.58 2.58
CA LYS A 333 5.44 37.87 1.53
C LYS A 333 5.88 39.06 0.69
N VAL A 334 6.44 40.09 1.33
CA VAL A 334 6.90 41.26 0.60
C VAL A 334 8.05 40.90 -0.33
N GLY A 335 8.91 39.97 0.08
CA GLY A 335 9.95 39.51 -0.80
C GLY A 335 9.40 38.75 -2.00
N ASN A 336 8.31 38.01 -1.81
CA ASN A 336 7.68 37.33 -2.93
C ASN A 336 6.96 38.32 -3.85
N GLU A 337 6.53 39.46 -3.31
CA GLU A 337 5.89 40.47 -4.15
C GLU A 337 6.91 41.16 -5.07
N LEU A 338 8.08 41.50 -4.52
CA LEU A 338 9.09 42.19 -5.31
C LEU A 338 9.70 41.31 -6.39
N GLY A 339 9.55 40.00 -6.28
CA GLY A 339 10.07 39.08 -7.27
C GLY A 339 11.31 38.31 -6.86
N PHE A 340 11.66 38.30 -5.58
CA PHE A 340 12.81 37.53 -5.12
C PHE A 340 12.57 36.05 -5.36
N HIS A 341 13.57 35.38 -5.93
CA HIS A 341 13.43 33.98 -6.31
C HIS A 341 13.12 33.11 -5.09
N TYR A 342 13.68 33.45 -3.92
CA TYR A 342 13.23 32.87 -2.67
C TYR A 342 13.62 33.80 -1.54
N THR A 343 12.67 34.07 -0.64
CA THR A 343 12.89 34.93 0.51
C THR A 343 12.84 34.08 1.77
N ALA A 344 13.99 33.90 2.42
CA ALA A 344 14.11 33.12 3.64
C ALA A 344 14.17 34.07 4.82
N SER A 345 13.07 34.14 5.58
CA SER A 345 12.96 35.06 6.70
C SER A 345 12.57 34.29 7.96
N GLY A 346 13.16 34.68 9.09
CA GLY A 346 12.89 34.05 10.35
C GLY A 346 13.81 34.56 11.44
N PRO A 347 13.44 34.34 12.70
CA PRO A 347 14.27 34.83 13.80
C PRO A 347 15.65 34.18 13.85
N LEU A 348 15.74 32.88 13.61
CA LEU A 348 17.00 32.15 13.63
C LEU A 348 17.58 31.94 12.24
N VAL A 349 17.01 32.56 11.21
CA VAL A 349 17.46 32.37 9.84
C VAL A 349 18.74 33.17 9.62
N ARG A 350 19.81 32.47 9.25
CA ARG A 350 21.07 33.08 8.89
C ARG A 350 21.27 32.98 7.38
N SER A 351 22.45 33.41 6.92
CA SER A 351 22.73 33.43 5.49
C SER A 351 22.72 32.03 4.91
N SER A 352 23.41 31.10 5.56
CA SER A 352 23.55 29.73 5.07
C SER A 352 22.61 28.75 5.79
N TYR A 353 21.67 29.25 6.57
CA TYR A 353 20.75 28.39 7.32
C TYR A 353 19.81 27.68 6.35
N LYS A 354 20.00 26.36 6.20
CA LYS A 354 19.20 25.54 5.30
C LYS A 354 19.24 26.07 3.87
N ALA A 355 20.41 26.58 3.45
CA ALA A 355 20.52 27.16 2.12
C ALA A 355 20.32 26.12 1.03
N GLY A 356 20.73 24.86 1.28
CA GLY A 356 20.49 23.82 0.30
C GLY A 356 19.05 23.39 0.23
N GLU A 357 18.33 23.46 1.35
CA GLU A 357 16.91 23.13 1.35
C GLU A 357 16.11 24.18 0.60
N PHE A 358 16.51 25.46 0.70
CA PHE A 358 15.85 26.50 -0.05
C PHE A 358 16.18 26.44 -1.53
N PHE A 359 17.37 25.93 -1.88
CA PHE A 359 17.72 25.78 -3.29
C PHE A 359 16.87 24.72 -3.97
N LEU A 360 16.55 23.63 -3.26
CA LEU A 360 15.78 22.55 -3.84
C LEU A 360 14.29 22.86 -3.94
N LYS A 361 13.82 23.89 -3.23
CA LYS A 361 12.40 24.20 -3.19
C LYS A 361 11.99 25.38 -4.05
N ASN A 362 12.94 26.22 -4.48
CA ASN A 362 12.60 27.38 -5.30
C ASN A 362 13.49 27.60 -6.51
N LEU A 363 14.74 27.14 -6.51
CA LEU A 363 15.66 27.46 -7.60
C LEU A 363 15.75 26.39 -8.67
N VAL A 364 15.09 25.26 -8.50
CA VAL A 364 14.91 24.31 -9.60
C VAL A 364 13.60 24.66 -10.29
N ALA A 365 13.65 24.75 -11.62
CA ALA A 365 12.53 25.25 -12.42
C ALA A 365 12.07 26.62 -11.94
N GLY B 64 -17.05 14.62 12.95
CA GLY B 64 -16.56 15.73 13.73
C GLY B 64 -16.40 17.02 12.95
N ASN B 65 -15.20 17.58 12.98
CA ASN B 65 -14.94 18.84 12.28
C ASN B 65 -14.83 18.62 10.77
N LEU B 66 -13.91 17.74 10.35
CA LEU B 66 -13.73 17.31 8.96
C LEU B 66 -13.20 18.41 8.04
N LYS B 67 -13.22 19.66 8.47
CA LYS B 67 -12.65 20.77 7.69
C LYS B 67 -11.66 21.52 8.56
N ARG B 68 -10.48 21.78 8.02
CA ARG B 68 -9.38 22.33 8.81
C ARG B 68 -9.53 23.83 9.03
N GLN B 69 -9.26 24.26 10.26
CA GLN B 69 -9.19 25.67 10.60
C GLN B 69 -7.72 26.13 10.58
N LYS B 70 -7.53 27.42 10.29
CA LYS B 70 -6.18 27.94 10.10
C LYS B 70 -5.37 27.86 11.39
N GLY B 71 -4.12 27.43 11.26
CA GLY B 71 -3.24 27.17 12.39
C GLY B 71 -3.45 25.83 13.07
N GLU B 72 -4.70 25.41 13.21
CA GLU B 72 -5.05 24.14 13.82
C GLU B 72 -4.99 23.02 12.78
N ARG B 73 -4.98 21.78 13.27
CA ARG B 73 -4.96 20.61 12.40
C ARG B 73 -6.10 19.69 12.77
N LEU B 74 -6.45 18.81 11.82
CA LEU B 74 -7.63 17.96 11.93
C LEU B 74 -7.31 16.65 12.64
N ARG B 75 -8.34 16.08 13.27
CA ARG B 75 -8.24 14.74 13.84
C ARG B 75 -8.53 13.70 12.77
N LEU B 76 -7.87 12.56 12.89
CA LEU B 76 -8.02 11.51 11.89
C LEU B 76 -9.39 10.86 12.00
N PRO B 77 -10.15 10.78 10.92
CA PRO B 77 -11.48 10.13 10.98
C PRO B 77 -11.34 8.64 11.24
N PRO B 78 -12.38 8.00 11.79
CA PRO B 78 -12.25 6.57 12.11
C PRO B 78 -12.13 5.67 10.90
N TRP B 79 -12.66 6.08 9.74
CA TRP B 79 -12.60 5.22 8.56
C TRP B 79 -11.22 5.17 7.93
N LEU B 80 -10.26 5.95 8.42
CA LEU B 80 -8.88 5.93 7.92
C LEU B 80 -7.95 5.13 8.82
N LYS B 81 -8.46 4.55 9.90
CA LYS B 81 -7.62 3.77 10.81
C LYS B 81 -7.39 2.37 10.23
N THR B 82 -6.13 1.95 10.20
CA THR B 82 -5.75 0.62 9.76
C THR B 82 -4.94 -0.07 10.85
N GLU B 83 -4.65 -1.35 10.62
CA GLU B 83 -3.93 -2.16 11.59
C GLU B 83 -2.42 -2.09 11.32
N ILE B 84 -1.65 -2.20 12.39
CA ILE B 84 -0.18 -2.23 12.28
C ILE B 84 0.21 -3.48 11.51
N PRO B 85 0.93 -3.35 10.40
CA PRO B 85 1.20 -4.52 9.54
C PRO B 85 2.17 -5.49 10.21
N MET B 86 1.81 -6.77 10.16
CA MET B 86 2.66 -7.86 10.61
C MET B 86 2.05 -9.16 10.13
N GLY B 87 2.81 -10.24 10.22
CA GLY B 87 2.36 -11.56 9.84
C GLY B 87 3.36 -12.25 8.94
N LYS B 88 2.95 -13.43 8.47
CA LYS B 88 3.86 -14.26 7.67
C LYS B 88 4.10 -13.67 6.30
N ASN B 89 3.03 -13.31 5.59
CA ASN B 89 3.19 -12.73 4.25
C ASN B 89 3.84 -11.36 4.28
N TYR B 90 3.59 -10.60 5.35
CA TYR B 90 4.25 -9.30 5.50
C TYR B 90 5.76 -9.47 5.62
N ASN B 91 6.21 -10.46 6.39
CA ASN B 91 7.64 -10.69 6.53
C ASN B 91 8.23 -11.42 5.32
N LYS B 92 7.41 -12.22 4.62
CA LYS B 92 7.91 -12.87 3.41
C LYS B 92 8.26 -11.83 2.34
N LEU B 93 7.42 -10.81 2.19
CA LEU B 93 7.72 -9.75 1.23
C LEU B 93 8.87 -8.88 1.73
N LYS B 94 8.92 -8.61 3.04
CA LYS B 94 10.02 -7.83 3.60
C LYS B 94 11.37 -8.52 3.35
N ASN B 95 11.44 -9.82 3.60
CA ASN B 95 12.69 -10.54 3.43
C ASN B 95 13.09 -10.64 1.96
N THR B 96 12.12 -10.74 1.06
CA THR B 96 12.44 -10.78 -0.37
C THR B 96 13.07 -9.48 -0.83
N LEU B 97 12.53 -8.34 -0.37
CA LEU B 97 13.05 -7.05 -0.81
C LEU B 97 14.46 -6.79 -0.26
N ARG B 98 14.68 -7.10 1.02
CA ARG B 98 15.99 -6.82 1.62
C ARG B 98 17.07 -7.73 1.06
N ASN B 99 16.72 -8.96 0.66
CA ASN B 99 17.71 -9.87 0.09
C ASN B 99 18.09 -9.51 -1.34
N LEU B 100 17.33 -8.64 -2.01
CA LEU B 100 17.62 -8.22 -3.36
C LEU B 100 17.84 -6.71 -3.48
N ASN B 101 17.98 -6.01 -2.35
CA ASN B 101 18.18 -4.56 -2.33
C ASN B 101 17.10 -3.84 -3.14
N LEU B 102 15.85 -4.25 -2.95
CA LEU B 102 14.71 -3.65 -3.63
C LEU B 102 13.95 -2.75 -2.67
N HIS B 103 13.14 -1.87 -3.25
CA HIS B 103 12.34 -0.92 -2.49
C HIS B 103 10.91 -0.95 -2.98
N THR B 104 9.99 -0.48 -2.14
CA THR B 104 8.59 -0.34 -2.49
C THR B 104 8.11 1.06 -2.13
N VAL B 105 7.19 1.58 -2.94
CA VAL B 105 6.54 2.84 -2.60
C VAL B 105 5.66 2.68 -1.37
N CYS B 106 5.20 1.45 -1.09
CA CYS B 106 4.42 1.20 0.11
C CYS B 106 5.18 1.63 1.36
N GLU B 107 6.45 1.25 1.45
CA GLU B 107 7.25 1.60 2.61
C GLU B 107 7.65 3.08 2.58
N GLU B 108 8.13 3.56 1.44
CA GLU B 108 8.70 4.90 1.38
C GLU B 108 7.62 5.97 1.48
N ALA B 109 6.47 5.76 0.83
CA ALA B 109 5.37 6.69 0.98
C ALA B 109 4.55 6.45 2.24
N ARG B 110 4.83 5.36 2.96
CA ARG B 110 4.16 5.03 4.22
C ARG B 110 2.65 4.84 4.00
N CYS B 111 2.32 3.88 3.16
CA CYS B 111 0.93 3.67 2.79
C CYS B 111 0.17 3.01 3.96
N PRO B 112 -1.07 3.45 4.22
CA PRO B 112 -1.86 2.81 5.28
C PRO B 112 -2.34 1.40 4.93
N ASN B 113 -2.25 1.00 3.66
CA ASN B 113 -2.78 -0.28 3.21
C ASN B 113 -1.70 -1.38 3.17
N ILE B 114 -0.56 -1.16 3.82
CA ILE B 114 0.52 -2.15 3.80
C ILE B 114 0.03 -3.48 4.36
N GLY B 115 -0.61 -3.43 5.54
CA GLY B 115 -1.11 -4.65 6.15
C GLY B 115 -2.10 -5.39 5.28
N GLU B 116 -2.92 -4.67 4.52
CA GLU B 116 -3.92 -5.32 3.67
C GLU B 116 -3.30 -5.85 2.38
N CYS B 117 -2.42 -5.07 1.75
CA CYS B 117 -1.80 -5.49 0.50
C CYS B 117 -0.74 -6.56 0.72
N TRP B 118 0.17 -6.31 1.67
CA TRP B 118 1.26 -7.26 1.92
C TRP B 118 0.78 -8.49 2.68
N GLY B 119 -0.28 -8.37 3.46
CA GLY B 119 -0.76 -9.50 4.23
C GLY B 119 -1.59 -10.48 3.43
N GLY B 120 -2.25 -10.02 2.37
CA GLY B 120 -3.09 -10.90 1.59
C GLY B 120 -4.30 -11.35 2.38
N GLY B 121 -4.74 -12.57 2.10
CA GLY B 121 -5.87 -13.12 2.81
C GLY B 121 -6.02 -14.60 2.54
N GLU B 122 -7.25 -15.09 2.74
CA GLU B 122 -7.53 -16.49 2.46
C GLU B 122 -7.38 -16.80 0.98
N TYR B 123 -8.02 -15.99 0.13
CA TYR B 123 -7.93 -16.16 -1.32
C TYR B 123 -7.24 -15.01 -2.02
N ALA B 124 -6.90 -13.93 -1.32
CA ALA B 124 -6.16 -12.83 -1.90
C ALA B 124 -4.67 -13.05 -1.78
N THR B 125 -3.94 -12.72 -2.83
CA THR B 125 -2.49 -12.94 -2.87
C THR B 125 -1.76 -11.72 -2.32
N ALA B 126 -0.72 -12.00 -1.53
CA ALA B 126 0.12 -10.92 -1.00
C ALA B 126 0.85 -10.23 -2.14
N THR B 127 0.76 -8.90 -2.19
CA THR B 127 1.35 -8.14 -3.28
C THR B 127 1.93 -6.84 -2.72
N ALA B 128 2.84 -6.25 -3.50
CA ALA B 128 3.46 -4.98 -3.15
C ALA B 128 3.93 -4.31 -4.43
N THR B 129 3.96 -2.97 -4.41
CA THR B 129 4.35 -2.18 -5.57
C THR B 129 5.84 -1.84 -5.43
N ILE B 130 6.66 -2.52 -6.23
CA ILE B 130 8.11 -2.31 -6.16
C ILE B 130 8.46 -0.96 -6.77
N MET B 131 9.34 -0.23 -6.07
CA MET B 131 9.77 1.10 -6.49
C MET B 131 11.18 1.01 -7.07
N LEU B 132 11.31 1.39 -8.33
CA LEU B 132 12.57 1.26 -9.05
C LEU B 132 13.45 2.49 -8.88
N MET B 133 14.74 2.31 -9.17
CA MET B 133 15.72 3.38 -9.26
C MET B 133 16.02 4.02 -7.91
N GLY B 134 15.97 3.24 -6.83
CA GLY B 134 16.36 3.71 -5.53
C GLY B 134 15.20 4.24 -4.70
N ASP B 135 15.51 4.56 -3.45
CA ASP B 135 14.53 5.08 -2.50
C ASP B 135 14.65 6.59 -2.31
N THR B 136 15.35 7.29 -3.22
CA THR B 136 15.56 8.72 -3.11
C THR B 136 15.21 9.37 -4.44
N CYS B 137 14.22 10.25 -4.42
CA CYS B 137 13.72 10.92 -5.61
C CYS B 137 14.42 12.27 -5.81
N THR B 138 14.38 12.75 -7.05
CA THR B 138 14.93 14.08 -7.35
C THR B 138 13.90 15.19 -7.14
N ARG B 139 12.62 14.86 -7.08
CA ARG B 139 11.57 15.84 -6.84
C ARG B 139 11.30 15.97 -5.34
N GLY B 140 10.77 17.13 -4.95
CA GLY B 140 10.43 17.38 -3.57
C GLY B 140 8.97 17.69 -3.37
N CYS B 141 8.10 16.75 -3.73
CA CYS B 141 6.66 16.96 -3.60
C CYS B 141 6.28 17.06 -2.13
N ARG B 142 5.52 18.12 -1.79
CA ARG B 142 5.16 18.42 -0.41
C ARG B 142 4.15 17.44 0.16
N PHE B 143 3.64 16.49 -0.64
CA PHE B 143 2.69 15.49 -0.17
C PHE B 143 3.31 14.10 -0.05
N CYS B 144 4.52 13.90 -0.53
CA CYS B 144 5.14 12.59 -0.67
C CYS B 144 6.32 12.48 0.29
N SER B 145 6.31 11.44 1.12
CA SER B 145 7.35 11.25 2.13
C SER B 145 8.60 10.59 1.57
N VAL B 146 8.68 10.34 0.27
CA VAL B 146 9.89 9.78 -0.32
C VAL B 146 11.02 10.80 -0.20
N LYS B 147 12.20 10.32 0.20
CA LYS B 147 13.34 11.19 0.44
C LYS B 147 13.77 11.89 -0.84
N THR B 148 14.56 12.95 -0.68
CA THR B 148 14.91 13.85 -1.78
C THR B 148 16.41 14.09 -1.81
N ALA B 149 16.97 14.05 -3.02
CA ALA B 149 18.36 14.42 -3.26
C ALA B 149 18.51 14.83 -4.71
N ARG B 150 19.41 15.78 -4.95
CA ARG B 150 19.59 16.30 -6.30
C ARG B 150 20.28 15.28 -7.20
N ASN B 151 21.22 14.52 -6.65
CA ASN B 151 21.96 13.51 -7.40
C ASN B 151 21.99 12.22 -6.60
N PRO B 152 20.97 11.37 -6.75
CA PRO B 152 20.97 10.07 -6.08
C PRO B 152 22.07 9.19 -6.65
N PRO B 153 22.40 8.09 -5.96
CA PRO B 153 23.42 7.16 -6.49
C PRO B 153 22.99 6.59 -7.83
N PRO B 154 23.94 6.13 -8.65
CA PRO B 154 23.58 5.61 -9.97
C PRO B 154 22.65 4.40 -9.86
N LEU B 155 21.98 4.11 -10.98
CA LEU B 155 21.02 3.02 -11.01
C LEU B 155 21.70 1.69 -10.76
N ASP B 156 21.02 0.80 -10.06
CA ASP B 156 21.48 -0.57 -9.88
C ASP B 156 21.11 -1.36 -11.12
N ALA B 157 22.11 -1.76 -11.91
CA ALA B 157 21.84 -2.45 -13.15
C ALA B 157 21.15 -3.80 -12.94
N SER B 158 21.26 -4.37 -11.75
CA SER B 158 20.63 -5.65 -11.45
C SER B 158 19.21 -5.52 -10.92
N GLU B 159 18.73 -4.31 -10.66
CA GLU B 159 17.39 -4.14 -10.12
C GLU B 159 16.30 -4.66 -11.04
N PRO B 160 16.31 -4.39 -12.35
CA PRO B 160 15.26 -4.99 -13.20
C PRO B 160 15.29 -6.51 -13.20
N TYR B 161 16.49 -7.10 -13.20
CA TYR B 161 16.60 -8.56 -13.15
C TYR B 161 16.16 -9.10 -11.79
N ASN B 162 16.58 -8.42 -10.71
CA ASN B 162 16.17 -8.88 -9.37
C ASN B 162 14.69 -8.67 -9.12
N THR B 163 14.09 -7.65 -9.74
CA THR B 163 12.65 -7.44 -9.59
C THR B 163 11.87 -8.63 -10.12
N ALA B 164 12.27 -9.15 -11.29
CA ALA B 164 11.59 -10.33 -11.84
C ALA B 164 11.73 -11.53 -10.91
N LYS B 165 12.89 -11.68 -10.27
CA LYS B 165 13.07 -12.77 -9.30
C LYS B 165 12.19 -12.58 -8.07
N ALA B 166 11.95 -11.33 -7.66
CA ALA B 166 11.12 -11.09 -6.49
C ALA B 166 9.66 -11.41 -6.78
N ILE B 167 9.16 -11.01 -7.96
CA ILE B 167 7.79 -11.33 -8.32
C ILE B 167 7.61 -12.83 -8.50
N ALA B 168 8.62 -13.51 -9.04
CA ALA B 168 8.53 -14.95 -9.22
C ALA B 168 8.36 -15.67 -7.89
N GLU B 169 9.04 -15.18 -6.84
CA GLU B 169 8.86 -15.77 -5.52
C GLU B 169 7.43 -15.57 -5.01
N TRP B 170 6.84 -14.42 -5.31
CA TRP B 170 5.51 -14.10 -4.82
C TRP B 170 4.39 -14.71 -5.65
N GLY B 171 4.72 -15.27 -6.82
CA GLY B 171 3.72 -15.91 -7.66
C GLY B 171 2.61 -14.99 -8.12
N LEU B 172 2.94 -13.72 -8.37
CA LEU B 172 1.93 -12.75 -8.78
C LEU B 172 1.58 -12.92 -10.26
N ASP B 173 0.29 -12.83 -10.56
CA ASP B 173 -0.17 -12.79 -11.94
C ASP B 173 -0.31 -11.37 -12.46
N TYR B 174 -0.47 -10.40 -11.56
CA TYR B 174 -0.57 -8.99 -11.91
C TYR B 174 0.43 -8.22 -11.05
N VAL B 175 1.29 -7.44 -11.70
CA VAL B 175 2.36 -6.72 -11.02
C VAL B 175 2.25 -5.24 -11.35
N VAL B 176 2.38 -4.40 -10.32
CA VAL B 176 2.43 -2.95 -10.49
C VAL B 176 3.86 -2.50 -10.19
N LEU B 177 4.43 -1.74 -11.12
CA LEU B 177 5.75 -1.16 -10.94
C LEU B 177 5.64 0.35 -10.90
N THR B 178 6.53 0.97 -10.14
CA THR B 178 6.66 2.42 -10.11
C THR B 178 8.12 2.75 -9.89
N SER B 179 8.43 4.04 -9.71
CA SER B 179 9.80 4.46 -9.47
C SER B 179 9.80 5.88 -8.92
N VAL B 180 10.95 6.29 -8.43
CA VAL B 180 11.21 7.68 -8.10
C VAL B 180 11.40 8.43 -9.42
N ASP B 181 11.44 9.76 -9.37
CA ASP B 181 11.81 10.54 -10.53
C ASP B 181 13.33 10.72 -10.52
N ARG B 182 13.96 10.48 -11.67
CA ARG B 182 15.41 10.61 -11.81
C ARG B 182 15.66 11.68 -12.87
N ASP B 183 15.48 12.94 -12.49
CA ASP B 183 15.77 14.05 -13.38
C ASP B 183 17.25 14.16 -13.70
N ASP B 184 18.11 13.49 -12.93
CA ASP B 184 19.53 13.43 -13.25
C ASP B 184 19.82 12.49 -14.42
N MET B 185 18.92 11.56 -14.73
CA MET B 185 19.11 10.66 -15.87
C MET B 185 18.62 11.35 -17.15
N PRO B 186 19.36 11.21 -18.26
CA PRO B 186 18.95 11.87 -19.50
C PRO B 186 17.59 11.41 -20.01
N ASP B 187 17.27 10.13 -19.87
CA ASP B 187 15.98 9.60 -20.29
C ASP B 187 15.02 9.42 -19.13
N GLY B 188 15.39 9.89 -17.94
CA GLY B 188 14.53 9.75 -16.78
C GLY B 188 14.34 8.33 -16.29
N GLY B 189 15.20 7.40 -16.73
CA GLY B 189 15.05 6.02 -16.32
C GLY B 189 14.06 5.22 -17.12
N ALA B 190 13.63 5.71 -18.28
CA ALA B 190 12.65 5.00 -19.09
C ALA B 190 13.18 3.64 -19.53
N GLU B 191 14.44 3.58 -19.98
CA GLU B 191 15.03 2.30 -20.37
C GLU B 191 15.10 1.35 -19.18
N HIS B 192 15.41 1.90 -17.99
CA HIS B 192 15.45 1.07 -16.79
C HIS B 192 14.09 0.47 -16.48
N ILE B 193 13.02 1.25 -16.65
CA ILE B 193 11.69 0.73 -16.41
C ILE B 193 11.31 -0.30 -17.46
N ALA B 194 11.60 -0.01 -18.74
CA ALA B 194 11.26 -0.95 -19.80
C ALA B 194 12.03 -2.25 -19.66
N LYS B 195 13.27 -2.19 -19.16
CA LYS B 195 14.04 -3.40 -18.94
C LYS B 195 13.41 -4.28 -17.87
N THR B 196 12.80 -3.67 -16.85
CA THR B 196 12.14 -4.45 -15.82
C THR B 196 10.92 -5.18 -16.37
N VAL B 197 10.15 -4.52 -17.25
CA VAL B 197 9.02 -5.18 -17.89
C VAL B 197 9.50 -6.32 -18.77
N SER B 198 10.66 -6.17 -19.41
CA SER B 198 11.18 -7.22 -20.27
C SER B 198 11.53 -8.47 -19.46
N TYR B 199 12.25 -8.29 -18.34
CA TYR B 199 12.60 -9.44 -17.50
C TYR B 199 11.37 -10.11 -16.92
N LEU B 200 10.30 -9.35 -16.68
CA LEU B 200 9.06 -9.94 -16.19
C LEU B 200 8.41 -10.82 -17.24
N LYS B 201 8.30 -10.31 -18.47
CA LYS B 201 7.76 -11.13 -19.57
C LYS B 201 8.70 -12.27 -19.92
N GLU B 202 10.00 -12.12 -19.66
CA GLU B 202 10.94 -13.19 -19.93
C GLU B 202 10.78 -14.33 -18.94
N ARG B 203 10.66 -14.00 -17.65
CA ARG B 203 10.47 -15.02 -16.63
C ARG B 203 9.10 -15.66 -16.72
N ASN B 204 8.09 -14.90 -17.15
CA ASN B 204 6.71 -15.39 -17.23
C ASN B 204 5.99 -14.61 -18.33
N PRO B 205 5.82 -15.20 -19.51
CA PRO B 205 5.16 -14.47 -20.62
C PRO B 205 3.71 -14.13 -20.35
N LYS B 206 3.03 -14.86 -19.46
CA LYS B 206 1.62 -14.65 -19.19
C LYS B 206 1.37 -13.68 -18.04
N ILE B 207 2.34 -12.84 -17.71
CA ILE B 207 2.22 -11.93 -16.60
C ILE B 207 1.60 -10.63 -17.09
N LEU B 208 0.87 -9.96 -16.20
CA LEU B 208 0.25 -8.67 -16.49
C LEU B 208 0.99 -7.59 -15.72
N VAL B 209 1.48 -6.58 -16.42
CA VAL B 209 2.35 -5.56 -15.85
C VAL B 209 1.67 -4.20 -15.98
N GLU B 210 1.67 -3.44 -14.89
CA GLU B 210 1.21 -2.06 -14.86
C GLU B 210 2.35 -1.19 -14.37
N CYS B 211 2.58 -0.07 -15.06
CA CYS B 211 3.68 0.83 -14.75
C CYS B 211 3.14 2.20 -14.35
N LEU B 212 3.33 2.57 -13.09
CA LEU B 212 3.09 3.93 -12.63
C LEU B 212 4.37 4.72 -12.88
N THR B 213 4.41 5.45 -14.01
CA THR B 213 5.66 6.05 -14.45
C THR B 213 5.71 7.53 -14.09
N PRO B 214 6.90 8.08 -13.94
CA PRO B 214 7.04 9.54 -13.82
C PRO B 214 6.62 10.24 -15.11
N ASP B 215 6.52 11.56 -15.03
CA ASP B 215 6.18 12.37 -16.19
C ASP B 215 7.33 12.51 -17.17
N PHE B 216 8.55 12.17 -16.77
CA PHE B 216 9.74 12.31 -17.60
C PHE B 216 9.93 13.72 -18.15
N ARG B 217 9.33 14.72 -17.49
CA ARG B 217 9.36 16.11 -17.94
C ARG B 217 8.85 16.23 -19.37
N GLY B 218 7.88 15.40 -19.72
CA GLY B 218 7.25 15.44 -21.03
C GLY B 218 8.05 14.83 -22.16
N ASP B 219 9.16 14.15 -21.87
CA ASP B 219 10.01 13.55 -22.89
C ASP B 219 9.24 12.48 -23.66
N LEU B 220 8.91 12.76 -24.93
CA LEU B 220 8.08 11.84 -25.69
C LEU B 220 8.79 10.53 -25.98
N LYS B 221 10.10 10.59 -26.25
CA LYS B 221 10.85 9.35 -26.49
C LYS B 221 10.90 8.48 -25.23
N ALA B 222 10.97 9.11 -24.06
CA ALA B 222 10.95 8.35 -22.82
C ALA B 222 9.61 7.68 -22.59
N ILE B 223 8.52 8.40 -22.84
CA ILE B 223 7.18 7.83 -22.71
C ILE B 223 6.98 6.72 -23.75
N GLU B 224 7.55 6.90 -24.94
CA GLU B 224 7.41 5.89 -26.00
C GLU B 224 8.14 4.61 -25.63
N LYS B 225 9.29 4.73 -24.95
CA LYS B 225 10.06 3.54 -24.60
C LYS B 225 9.35 2.71 -23.53
N VAL B 226 8.61 3.34 -22.63
CA VAL B 226 7.88 2.59 -21.62
C VAL B 226 6.61 1.98 -22.20
N ALA B 227 5.93 2.72 -23.09
CA ALA B 227 4.67 2.25 -23.65
C ALA B 227 4.85 1.13 -24.67
N LEU B 228 6.07 0.93 -25.17
CA LEU B 228 6.35 -0.13 -26.12
C LEU B 228 7.02 -1.34 -25.48
N SER B 229 7.07 -1.39 -24.14
CA SER B 229 7.79 -2.43 -23.43
C SER B 229 6.97 -3.70 -23.24
N GLY B 230 5.83 -3.83 -23.90
CA GLY B 230 4.91 -4.92 -23.60
C GLY B 230 3.99 -4.62 -22.45
N LEU B 231 3.78 -3.34 -22.15
CA LEU B 231 3.00 -2.93 -20.99
C LEU B 231 1.52 -3.24 -21.20
N ASP B 232 0.83 -3.51 -20.10
CA ASP B 232 -0.60 -3.75 -20.11
C ASP B 232 -1.41 -2.56 -19.60
N VAL B 233 -0.89 -1.83 -18.62
CA VAL B 233 -1.53 -0.63 -18.10
C VAL B 233 -0.45 0.44 -17.92
N TYR B 234 -0.62 1.57 -18.58
CA TYR B 234 0.27 2.73 -18.42
C TYR B 234 -0.41 3.71 -17.46
N ALA B 235 0.20 3.94 -16.31
CA ALA B 235 -0.37 4.79 -15.26
C ALA B 235 0.52 5.98 -15.01
N HIS B 236 -0.08 7.17 -14.91
CA HIS B 236 0.61 8.38 -14.50
C HIS B 236 -0.39 9.28 -13.79
N ASN B 237 -0.03 9.77 -12.61
CA ASN B 237 -0.96 10.47 -11.74
C ASN B 237 -0.87 11.98 -11.94
N VAL B 238 -2.04 12.62 -12.04
CA VAL B 238 -2.10 14.07 -11.98
C VAL B 238 -2.15 14.59 -10.56
N GLU B 239 -2.38 13.71 -9.58
CA GLU B 239 -2.32 14.02 -8.15
C GLU B 239 -3.43 14.98 -7.70
N THR B 240 -3.55 16.14 -8.34
CA THR B 240 -4.52 17.14 -7.90
C THR B 240 -5.03 17.93 -9.09
N VAL B 241 -6.00 18.81 -8.82
CA VAL B 241 -6.60 19.68 -9.83
C VAL B 241 -5.54 20.66 -10.33
N PRO B 242 -5.73 21.28 -11.51
CA PRO B 242 -4.70 22.19 -12.03
C PRO B 242 -4.40 23.37 -11.10
N GLU B 243 -5.39 23.85 -10.34
CA GLU B 243 -5.18 25.02 -9.50
C GLU B 243 -4.27 24.74 -8.32
N LEU B 244 -4.05 23.48 -7.97
CA LEU B 244 -3.21 23.12 -6.83
C LEU B 244 -1.93 22.39 -7.24
N GLN B 245 -1.58 22.40 -8.53
CA GLN B 245 -0.39 21.71 -8.99
C GLN B 245 0.87 22.32 -8.38
N SER B 246 0.93 23.65 -8.32
CA SER B 246 2.15 24.31 -7.83
C SER B 246 2.34 24.11 -6.34
N LYS B 247 1.25 24.07 -5.58
CA LYS B 247 1.36 23.91 -4.13
C LYS B 247 1.68 22.46 -3.75
N VAL B 248 1.13 21.50 -4.47
CA VAL B 248 1.19 20.11 -4.06
C VAL B 248 2.40 19.39 -4.69
N ARG B 249 2.70 19.66 -5.95
CA ARG B 249 3.71 18.90 -6.68
C ARG B 249 4.98 19.71 -6.86
N ASP B 250 6.05 19.01 -7.23
CA ASP B 250 7.30 19.66 -7.58
C ASP B 250 7.10 20.56 -8.79
N PRO B 251 7.75 21.72 -8.85
CA PRO B 251 7.52 22.64 -9.98
C PRO B 251 7.82 22.04 -11.34
N ARG B 252 8.64 20.98 -11.41
CA ARG B 252 8.90 20.31 -12.68
C ARG B 252 7.72 19.48 -13.15
N ALA B 253 6.62 19.45 -12.41
CA ALA B 253 5.41 18.76 -12.83
C ALA B 253 4.26 19.76 -12.89
N ASN B 254 3.46 19.66 -13.95
CA ASN B 254 2.27 20.49 -14.11
C ASN B 254 1.16 19.65 -14.72
N PHE B 255 -0.04 20.22 -14.72
CA PHE B 255 -1.23 19.47 -15.13
C PHE B 255 -1.17 19.11 -16.61
N ASP B 256 -0.91 20.10 -17.47
CA ASP B 256 -0.88 19.85 -18.91
C ASP B 256 0.18 18.82 -19.28
N GLN B 257 1.29 18.79 -18.54
CA GLN B 257 2.35 17.83 -18.85
C GLN B 257 1.92 16.40 -18.51
N SER B 258 1.22 16.23 -17.39
CA SER B 258 0.79 14.89 -17.00
C SER B 258 -0.24 14.33 -17.98
N LEU B 259 -1.12 15.19 -18.51
CA LEU B 259 -2.08 14.72 -19.51
C LEU B 259 -1.40 14.39 -20.82
N ARG B 260 -0.33 15.11 -21.18
CA ARG B 260 0.40 14.77 -22.39
C ARG B 260 1.10 13.42 -22.26
N VAL B 261 1.47 13.03 -21.03
CA VAL B 261 2.05 11.71 -20.83
C VAL B 261 1.02 10.63 -21.10
N LEU B 262 -0.17 10.76 -20.52
CA LEU B 262 -1.22 9.78 -20.72
C LEU B 262 -1.71 9.78 -22.17
N LYS B 263 -1.79 10.98 -22.78
CA LYS B 263 -2.26 11.07 -24.15
C LYS B 263 -1.26 10.44 -25.12
N HIS B 264 0.03 10.63 -24.87
CA HIS B 264 1.04 10.09 -25.78
C HIS B 264 1.20 8.58 -25.64
N ALA B 265 0.94 8.04 -24.44
CA ALA B 265 1.02 6.60 -24.25
C ALA B 265 -0.05 5.89 -25.09
N LYS B 266 -1.26 6.45 -25.15
CA LYS B 266 -2.30 5.87 -26.00
C LYS B 266 -1.96 6.03 -27.48
N LYS B 267 -1.32 7.13 -27.86
CA LYS B 267 -0.95 7.33 -29.25
C LYS B 267 0.10 6.32 -29.70
N VAL B 268 1.05 6.01 -28.83
CA VAL B 268 2.12 5.07 -29.19
C VAL B 268 1.57 3.64 -29.18
N GLN B 269 0.84 3.28 -28.12
CA GLN B 269 0.30 1.93 -27.99
C GLN B 269 -1.20 2.02 -27.71
N PRO B 270 -2.04 1.88 -28.74
CA PRO B 270 -3.49 2.06 -28.53
C PRO B 270 -4.12 0.99 -27.68
N ASP B 271 -3.58 -0.22 -27.65
CA ASP B 271 -4.18 -1.31 -26.88
C ASP B 271 -3.86 -1.23 -25.38
N VAL B 272 -2.97 -0.32 -24.98
CA VAL B 272 -2.66 -0.19 -23.56
C VAL B 272 -3.79 0.56 -22.85
N ILE B 273 -3.84 0.41 -21.53
CA ILE B 273 -4.84 1.06 -20.70
C ILE B 273 -4.23 2.30 -20.07
N SER B 274 -4.92 3.43 -20.19
CA SER B 274 -4.55 4.65 -19.50
C SER B 274 -5.14 4.64 -18.10
N LYS B 275 -4.37 5.15 -17.13
CA LYS B 275 -4.80 5.13 -15.74
C LYS B 275 -4.16 6.30 -15.01
N THR B 276 -4.94 6.98 -14.18
CA THR B 276 -4.45 8.11 -13.42
C THR B 276 -5.16 8.16 -12.08
N SER B 277 -4.57 8.90 -11.14
CA SER B 277 -5.11 9.04 -9.79
C SER B 277 -5.14 10.50 -9.38
N ILE B 278 -6.08 10.81 -8.49
CA ILE B 278 -6.24 12.14 -7.93
C ILE B 278 -6.39 12.00 -6.42
N MET B 279 -5.75 12.91 -5.68
CA MET B 279 -5.90 12.98 -4.23
C MET B 279 -6.88 14.08 -3.86
N LEU B 280 -7.86 13.75 -3.02
CA LEU B 280 -8.78 14.73 -2.49
C LEU B 280 -8.39 15.13 -1.08
N GLY B 281 -8.83 16.32 -0.67
CA GLY B 281 -8.53 16.83 0.65
C GLY B 281 -7.40 17.81 0.73
N LEU B 282 -6.96 18.36 -0.40
CA LEU B 282 -5.88 19.34 -0.43
C LEU B 282 -6.37 20.77 -0.60
N GLY B 283 -7.68 20.99 -0.61
CA GLY B 283 -8.25 22.32 -0.79
C GLY B 283 -9.05 22.50 -2.07
N GLU B 284 -9.23 21.47 -2.88
CA GLU B 284 -9.99 21.59 -4.11
C GLU B 284 -11.49 21.57 -3.82
N ASN B 285 -12.26 22.13 -4.76
CA ASN B 285 -13.71 22.13 -4.68
C ASN B 285 -14.30 21.20 -5.72
N ASP B 286 -15.62 21.01 -5.64
CA ASP B 286 -16.28 20.05 -6.52
C ASP B 286 -16.22 20.48 -7.98
N GLU B 287 -16.27 21.79 -8.25
CA GLU B 287 -16.17 22.26 -9.63
C GLU B 287 -14.83 21.88 -10.24
N GLN B 288 -13.75 22.04 -9.47
CA GLN B 288 -12.42 21.71 -10.00
C GLN B 288 -12.25 20.21 -10.18
N VAL B 289 -12.89 19.39 -9.33
CA VAL B 289 -12.77 17.94 -9.46
C VAL B 289 -13.46 17.47 -10.73
N TYR B 290 -14.68 17.95 -10.97
CA TYR B 290 -15.40 17.55 -12.18
C TYR B 290 -14.70 18.04 -13.43
N ALA B 291 -14.20 19.28 -13.41
CA ALA B 291 -13.48 19.80 -14.58
C ALA B 291 -12.22 18.98 -14.85
N THR B 292 -11.55 18.53 -13.80
CA THR B 292 -10.37 17.69 -13.98
C THR B 292 -10.76 16.34 -14.60
N MET B 293 -11.79 15.70 -14.05
CA MET B 293 -12.24 14.42 -14.60
C MET B 293 -12.72 14.57 -16.03
N LYS B 294 -13.39 15.68 -16.35
CA LYS B 294 -13.81 15.93 -17.72
C LYS B 294 -12.60 16.07 -18.64
N ALA B 295 -11.57 16.76 -18.18
CA ALA B 295 -10.37 16.93 -19.00
C ALA B 295 -9.62 15.61 -19.17
N LEU B 296 -9.64 14.74 -18.16
CA LEU B 296 -9.00 13.44 -18.27
C LEU B 296 -9.67 12.58 -19.34
N ARG B 297 -11.01 12.59 -19.39
CA ARG B 297 -11.71 11.82 -20.40
C ARG B 297 -11.41 12.33 -21.80
N GLU B 298 -11.28 13.65 -21.96
CA GLU B 298 -10.95 14.21 -23.26
C GLU B 298 -9.52 13.87 -23.69
N ALA B 299 -8.66 13.50 -22.74
CA ALA B 299 -7.35 12.96 -23.05
C ALA B 299 -7.37 11.45 -23.25
N ASP B 300 -8.57 10.86 -23.33
CA ASP B 300 -8.74 9.43 -23.57
C ASP B 300 -8.10 8.59 -22.47
N VAL B 301 -8.30 9.01 -21.22
CA VAL B 301 -7.87 8.22 -20.07
C VAL B 301 -8.95 7.19 -19.77
N ASP B 302 -8.54 5.94 -19.63
CA ASP B 302 -9.50 4.84 -19.52
C ASP B 302 -10.11 4.75 -18.13
N CYS B 303 -9.29 4.83 -17.09
CA CYS B 303 -9.78 4.62 -15.74
C CYS B 303 -9.14 5.63 -14.79
N LEU B 304 -9.77 5.79 -13.63
CA LEU B 304 -9.43 6.83 -12.68
C LEU B 304 -9.49 6.28 -11.26
N THR B 305 -8.69 6.87 -10.38
CA THR B 305 -8.63 6.51 -8.97
C THR B 305 -8.73 7.78 -8.14
N LEU B 306 -9.60 7.76 -7.13
CA LEU B 306 -9.74 8.87 -6.20
C LEU B 306 -9.55 8.36 -4.77
N GLY B 307 -8.80 9.13 -3.97
CA GLY B 307 -8.52 8.73 -2.60
C GLY B 307 -8.34 9.95 -1.72
N GLN B 308 -8.23 9.68 -0.42
CA GLN B 308 -8.02 10.72 0.57
C GLN B 308 -6.52 10.97 0.76
N TYR B 309 -6.11 12.23 0.64
CA TYR B 309 -4.74 12.58 1.00
C TYR B 309 -4.57 12.53 2.51
N MET B 310 -3.49 11.91 2.95
CA MET B 310 -3.20 11.76 4.37
C MET B 310 -1.77 12.19 4.62
N GLN B 311 -1.58 13.03 5.63
CA GLN B 311 -0.28 13.60 5.94
C GLN B 311 0.71 12.50 6.31
N PRO B 312 1.77 12.28 5.53
CA PRO B 312 2.69 11.17 5.81
C PRO B 312 3.61 11.43 6.99
N THR B 313 4.20 12.62 7.06
CA THR B 313 5.06 13.02 8.18
C THR B 313 4.68 14.41 8.64
N ARG B 314 5.24 14.81 9.78
CA ARG B 314 4.94 16.11 10.36
C ARG B 314 5.35 17.26 9.44
N ARG B 315 6.34 17.03 8.59
CA ARG B 315 6.90 18.07 7.74
C ARG B 315 6.20 18.22 6.41
N HIS B 316 5.23 17.36 6.09
CA HIS B 316 4.51 17.44 4.83
C HIS B 316 3.18 18.15 5.02
N LEU B 317 2.49 18.36 3.90
CA LEU B 317 1.27 19.18 3.90
C LEU B 317 0.22 18.61 4.85
N LYS B 318 -0.44 19.51 5.57
CA LYS B 318 -1.56 19.12 6.42
C LYS B 318 -2.79 18.88 5.57
N VAL B 319 -3.65 17.96 6.02
CA VAL B 319 -4.90 17.69 5.34
C VAL B 319 -5.83 18.90 5.51
N GLU B 320 -6.35 19.40 4.39
CA GLU B 320 -7.25 20.55 4.45
C GLU B 320 -8.70 20.14 4.70
N GLU B 321 -9.07 18.93 4.35
CA GLU B 321 -10.42 18.43 4.56
C GLU B 321 -10.43 16.93 4.39
N TYR B 322 -11.19 16.24 5.23
CA TYR B 322 -11.36 14.79 5.12
C TYR B 322 -12.67 14.51 4.40
N ILE B 323 -12.57 13.94 3.20
CA ILE B 323 -13.75 13.70 2.37
C ILE B 323 -14.52 12.52 2.94
N THR B 324 -15.84 12.67 2.98
CA THR B 324 -16.70 11.64 3.55
C THR B 324 -16.73 10.41 2.63
N PRO B 325 -16.98 9.22 3.18
CA PRO B 325 -17.10 8.03 2.33
C PRO B 325 -18.23 8.13 1.32
N GLU B 326 -19.33 8.78 1.67
CA GLU B 326 -20.44 8.92 0.74
C GLU B 326 -20.06 9.82 -0.43
N LYS B 327 -19.26 10.86 -0.18
CA LYS B 327 -18.84 11.75 -1.26
C LYS B 327 -17.96 11.02 -2.26
N PHE B 328 -17.13 10.08 -1.78
CA PHE B 328 -16.34 9.26 -2.70
C PHE B 328 -17.25 8.39 -3.56
N LYS B 329 -18.33 7.88 -2.98
CA LYS B 329 -19.29 7.10 -3.77
C LYS B 329 -19.93 7.95 -4.86
N TYR B 330 -20.11 9.25 -4.61
CA TYR B 330 -20.65 10.12 -5.64
C TYR B 330 -19.67 10.33 -6.79
N TRP B 331 -18.37 10.45 -6.47
CA TRP B 331 -17.39 10.67 -7.53
C TRP B 331 -17.24 9.44 -8.42
N GLU B 332 -17.45 8.24 -7.86
CA GLU B 332 -17.50 7.06 -8.70
C GLU B 332 -18.68 7.12 -9.65
N LYS B 333 -19.80 7.69 -9.19
CA LYS B 333 -20.97 7.86 -10.06
C LYS B 333 -20.66 8.82 -11.19
N VAL B 334 -19.92 9.89 -10.90
CA VAL B 334 -19.53 10.82 -11.96
C VAL B 334 -18.58 10.15 -12.95
N GLY B 335 -17.66 9.33 -12.45
CA GLY B 335 -16.75 8.63 -13.33
C GLY B 335 -17.47 7.72 -14.31
N ASN B 336 -18.53 7.05 -13.85
CA ASN B 336 -19.32 6.23 -14.76
C ASN B 336 -20.06 7.10 -15.78
N GLU B 337 -20.58 8.26 -15.36
CA GLU B 337 -21.24 9.17 -16.28
C GLU B 337 -20.28 9.66 -17.35
N LEU B 338 -19.05 9.96 -16.96
CA LEU B 338 -18.06 10.49 -17.89
C LEU B 338 -17.46 9.43 -18.81
N GLY B 339 -17.73 8.15 -18.54
CA GLY B 339 -17.34 7.09 -19.45
C GLY B 339 -16.07 6.33 -19.11
N PHE B 340 -15.55 6.48 -17.89
CA PHE B 340 -14.39 5.69 -17.50
C PHE B 340 -14.74 4.21 -17.47
N HIS B 341 -13.73 3.37 -17.75
CA HIS B 341 -13.92 1.93 -17.60
C HIS B 341 -14.29 1.58 -16.18
N TYR B 342 -13.57 2.12 -15.20
CA TYR B 342 -13.94 2.05 -13.81
C TYR B 342 -13.49 3.33 -13.13
N THR B 343 -13.95 3.52 -11.89
CA THR B 343 -13.57 4.67 -11.07
C THR B 343 -13.43 4.19 -9.63
N ALA B 344 -12.21 3.79 -9.27
CA ALA B 344 -11.92 3.37 -7.90
C ALA B 344 -11.92 4.59 -7.00
N SER B 345 -12.99 4.76 -6.22
CA SER B 345 -13.19 5.95 -5.41
C SER B 345 -13.45 5.53 -3.97
N GLY B 346 -12.56 5.96 -3.06
CA GLY B 346 -12.69 5.63 -1.66
C GLY B 346 -11.60 6.28 -0.84
N PRO B 347 -11.83 6.40 0.47
CA PRO B 347 -10.84 7.09 1.32
C PRO B 347 -9.45 6.47 1.28
N LEU B 348 -9.34 5.15 1.44
CA LEU B 348 -8.05 4.48 1.44
C LEU B 348 -7.66 3.93 0.08
N VAL B 349 -8.39 4.30 -0.98
CA VAL B 349 -8.07 3.83 -2.32
C VAL B 349 -6.82 4.54 -2.82
N ARG B 350 -5.83 3.75 -3.24
CA ARG B 350 -4.61 4.26 -3.84
C ARG B 350 -4.50 3.76 -5.28
N SER B 351 -3.49 4.28 -5.99
CA SER B 351 -3.35 3.96 -7.41
C SER B 351 -3.19 2.46 -7.63
N SER B 352 -2.41 1.80 -6.77
CA SER B 352 -2.11 0.38 -6.91
C SER B 352 -3.05 -0.52 -6.12
N TYR B 353 -4.02 0.04 -5.41
CA TYR B 353 -4.88 -0.75 -4.53
C TYR B 353 -5.76 -1.66 -5.38
N LYS B 354 -5.52 -2.97 -5.27
CA LYS B 354 -6.28 -3.98 -6.02
C LYS B 354 -6.28 -3.68 -7.52
N ALA B 355 -5.12 -3.25 -8.02
CA ALA B 355 -5.01 -2.86 -9.42
C ALA B 355 -5.34 -4.03 -10.35
N GLY B 356 -4.86 -5.22 -10.02
CA GLY B 356 -5.21 -6.39 -10.81
C GLY B 356 -6.68 -6.72 -10.74
N GLU B 357 -7.32 -6.44 -9.61
CA GLU B 357 -8.75 -6.68 -9.48
C GLU B 357 -9.54 -5.74 -10.38
N PHE B 358 -9.16 -4.45 -10.42
CA PHE B 358 -9.83 -3.51 -11.28
C PHE B 358 -9.47 -3.69 -12.75
N PHE B 359 -8.38 -4.40 -13.05
CA PHE B 359 -8.01 -4.60 -14.45
C PHE B 359 -9.06 -5.38 -15.20
N LEU B 360 -9.82 -6.23 -14.51
CA LEU B 360 -10.90 -6.96 -15.16
C LEU B 360 -11.98 -6.02 -15.68
N LYS B 361 -12.15 -4.86 -15.04
CA LYS B 361 -13.12 -3.89 -15.53
C LYS B 361 -12.69 -3.29 -16.86
N ASN B 362 -11.39 -3.14 -17.09
CA ASN B 362 -10.90 -2.67 -18.38
C ASN B 362 -11.23 -3.67 -19.48
N LEU B 363 -11.08 -4.96 -19.19
CA LEU B 363 -11.38 -5.99 -20.17
C LEU B 363 -12.87 -6.04 -20.50
N VAL B 364 -13.73 -5.68 -19.55
CA VAL B 364 -15.16 -5.65 -19.81
C VAL B 364 -15.49 -4.54 -20.80
N ALA B 365 -14.97 -3.33 -20.56
CA ALA B 365 -15.23 -2.20 -21.44
C ALA B 365 -14.54 -2.37 -22.80
N LYS B 366 -13.37 -3.02 -22.81
CA LYS B 366 -12.69 -3.29 -24.08
C LYS B 366 -13.50 -4.22 -24.97
N ARG B 367 -14.32 -5.08 -24.37
CA ARG B 367 -15.07 -6.06 -25.15
C ARG B 367 -16.11 -5.39 -26.04
N LYS B 368 -16.70 -4.28 -25.59
CA LYS B 368 -17.71 -3.57 -26.38
C LYS B 368 -17.15 -3.12 -27.73
N LEU C 66 -2.80 -43.40 -4.70
CA LEU C 66 -3.82 -42.61 -5.37
C LEU C 66 -4.72 -43.47 -6.25
N LYS C 67 -4.37 -44.76 -6.36
CA LYS C 67 -5.16 -45.71 -7.11
C LYS C 67 -6.09 -46.48 -6.18
N ARG C 68 -7.27 -46.80 -6.69
CA ARG C 68 -8.34 -47.38 -5.89
C ARG C 68 -8.50 -48.86 -6.19
N GLN C 69 -8.67 -49.65 -5.13
CA GLN C 69 -8.97 -51.07 -5.22
C GLN C 69 -10.38 -51.33 -4.70
N LYS C 70 -11.02 -52.37 -5.23
CA LYS C 70 -12.42 -52.61 -4.91
C LYS C 70 -12.59 -52.92 -3.43
N GLY C 71 -13.72 -52.46 -2.87
CA GLY C 71 -13.98 -52.54 -1.46
C GLY C 71 -13.39 -51.40 -0.67
N GLU C 72 -12.24 -50.88 -1.10
CA GLU C 72 -11.60 -49.76 -0.44
C GLU C 72 -12.00 -48.44 -1.11
N ARG C 73 -11.97 -47.36 -0.34
CA ARG C 73 -12.21 -46.02 -0.84
C ARG C 73 -10.95 -45.18 -0.68
N LEU C 74 -10.73 -44.28 -1.64
CA LEU C 74 -9.53 -43.46 -1.63
C LEU C 74 -9.59 -42.41 -0.53
N ARG C 75 -8.41 -42.06 -0.01
CA ARG C 75 -8.31 -40.99 0.97
C ARG C 75 -8.28 -39.64 0.26
N LEU C 76 -8.90 -38.64 0.90
CA LEU C 76 -8.98 -37.32 0.29
C LEU C 76 -7.61 -36.66 0.29
N PRO C 77 -7.06 -36.28 -0.87
CA PRO C 77 -5.74 -35.66 -0.91
C PRO C 77 -5.76 -34.27 -0.28
N PRO C 78 -4.60 -33.76 0.13
CA PRO C 78 -4.60 -32.46 0.82
C PRO C 78 -4.91 -31.28 -0.09
N TRP C 79 -4.64 -31.39 -1.39
CA TRP C 79 -4.88 -30.28 -2.30
C TRP C 79 -6.36 -30.07 -2.63
N LEU C 80 -7.24 -30.93 -2.13
CA LEU C 80 -8.67 -30.79 -2.35
C LEU C 80 -9.41 -30.28 -1.11
N LYS C 81 -8.73 -30.10 0.01
CA LYS C 81 -9.37 -29.58 1.21
C LYS C 81 -9.65 -28.09 1.06
N THR C 82 -10.88 -27.70 1.37
CA THR C 82 -11.29 -26.29 1.37
C THR C 82 -11.81 -25.92 2.76
N GLU C 83 -12.28 -24.68 2.89
CA GLU C 83 -12.76 -24.17 4.15
C GLU C 83 -14.29 -24.12 4.17
N ILE C 84 -14.85 -24.16 5.37
CA ILE C 84 -16.30 -24.08 5.53
C ILE C 84 -16.78 -22.70 5.10
N PRO C 85 -17.74 -22.61 4.19
CA PRO C 85 -18.16 -21.29 3.68
C PRO C 85 -18.91 -20.50 4.76
N MET C 86 -18.45 -19.29 5.01
CA MET C 86 -19.10 -18.35 5.92
C MET C 86 -18.46 -16.99 5.73
N GLY C 87 -19.19 -15.95 6.14
CA GLY C 87 -18.70 -14.59 6.05
C GLY C 87 -19.81 -13.66 5.61
N LYS C 88 -19.43 -12.41 5.32
CA LYS C 88 -20.40 -11.40 4.93
C LYS C 88 -20.96 -11.67 3.53
N ASN C 89 -20.07 -11.82 2.54
CA ASN C 89 -20.52 -12.03 1.17
C ASN C 89 -21.24 -13.37 1.01
N TYR C 90 -20.84 -14.39 1.77
CA TYR C 90 -21.50 -15.69 1.69
C TYR C 90 -22.94 -15.60 2.21
N ASN C 91 -23.14 -14.94 3.35
CA ASN C 91 -24.49 -14.81 3.89
C ASN C 91 -25.30 -13.78 3.11
N LYS C 92 -24.65 -12.81 2.48
CA LYS C 92 -25.36 -11.85 1.64
C LYS C 92 -25.95 -12.54 0.42
N LEU C 93 -25.15 -13.36 -0.27
CA LEU C 93 -25.64 -14.06 -1.44
C LEU C 93 -26.70 -15.10 -1.06
N LYS C 94 -26.53 -15.74 0.10
CA LYS C 94 -27.49 -16.77 0.49
C LYS C 94 -28.83 -16.16 0.90
N ASN C 95 -28.82 -14.98 1.52
CA ASN C 95 -30.07 -14.32 1.86
C ASN C 95 -30.81 -13.84 0.62
N THR C 96 -30.07 -13.45 -0.43
CA THR C 96 -30.72 -12.99 -1.66
C THR C 96 -31.44 -14.13 -2.36
N LEU C 97 -30.86 -15.33 -2.34
CA LEU C 97 -31.47 -16.47 -3.00
C LEU C 97 -32.77 -16.89 -2.30
N ARG C 98 -32.76 -16.90 -0.97
CA ARG C 98 -33.92 -17.37 -0.22
C ARG C 98 -35.09 -16.41 -0.35
N ASN C 99 -34.83 -15.10 -0.44
CA ASN C 99 -35.90 -14.13 -0.58
C ASN C 99 -36.56 -14.19 -1.94
N LEU C 100 -35.87 -14.71 -2.96
CA LEU C 100 -36.40 -14.79 -4.32
C LEU C 100 -36.74 -16.22 -4.72
N ASN C 101 -36.64 -17.18 -3.79
CA ASN C 101 -36.90 -18.59 -4.08
C ASN C 101 -36.02 -19.08 -5.23
N LEU C 102 -34.75 -18.71 -5.21
CA LEU C 102 -33.78 -19.13 -6.22
C LEU C 102 -32.93 -20.28 -5.69
N HIS C 103 -32.34 -21.01 -6.62
CA HIS C 103 -31.45 -22.12 -6.29
C HIS C 103 -30.13 -21.92 -7.02
N THR C 104 -29.08 -22.55 -6.49
CA THR C 104 -27.76 -22.55 -7.10
C THR C 104 -27.24 -23.98 -7.18
N VAL C 105 -26.55 -24.29 -8.27
CA VAL C 105 -25.88 -25.58 -8.38
C VAL C 105 -24.76 -25.71 -7.36
N CYS C 106 -24.26 -24.58 -6.84
CA CYS C 106 -23.21 -24.63 -5.82
C CYS C 106 -23.69 -25.38 -4.58
N GLU C 107 -24.89 -25.05 -4.10
CA GLU C 107 -25.42 -25.69 -2.91
C GLU C 107 -25.93 -27.10 -3.20
N GLU C 108 -26.64 -27.28 -4.32
CA GLU C 108 -27.24 -28.58 -4.60
C GLU C 108 -26.19 -29.63 -4.94
N ALA C 109 -25.22 -29.26 -5.78
CA ALA C 109 -24.13 -30.18 -6.09
C ALA C 109 -23.05 -30.19 -5.02
N ARG C 110 -23.17 -29.33 -3.99
CA ARG C 110 -22.26 -29.30 -2.86
C ARG C 110 -20.82 -29.05 -3.30
N CYS C 111 -20.62 -27.92 -3.96
CA CYS C 111 -19.31 -27.60 -4.50
C CYS C 111 -18.34 -27.20 -3.39
N PRO C 112 -17.10 -27.67 -3.42
CA PRO C 112 -16.12 -27.24 -2.42
C PRO C 112 -15.60 -25.83 -2.62
N ASN C 113 -15.99 -25.16 -3.70
CA ASN C 113 -15.54 -23.81 -3.99
C ASN C 113 -16.57 -22.74 -3.58
N ILE C 114 -17.55 -23.11 -2.76
CA ILE C 114 -18.58 -22.15 -2.36
C ILE C 114 -17.96 -20.99 -1.59
N GLY C 115 -17.07 -21.30 -0.65
CA GLY C 115 -16.45 -20.25 0.14
C GLY C 115 -15.62 -19.28 -0.68
N GLU C 116 -15.02 -19.77 -1.77
CA GLU C 116 -14.19 -18.91 -2.60
C GLU C 116 -15.04 -18.12 -3.59
N CYS C 117 -15.97 -18.79 -4.28
CA CYS C 117 -16.77 -18.12 -5.29
C CYS C 117 -17.73 -17.13 -4.65
N TRP C 118 -18.46 -17.55 -3.60
CA TRP C 118 -19.39 -16.65 -2.93
C TRP C 118 -18.69 -15.63 -2.06
N GLY C 119 -17.39 -15.81 -1.78
CA GLY C 119 -16.63 -14.85 -1.02
C GLY C 119 -16.11 -13.71 -1.87
N GLY C 120 -15.47 -14.04 -2.99
CA GLY C 120 -15.02 -13.02 -3.93
C GLY C 120 -13.91 -12.17 -3.36
N GLY C 121 -13.93 -10.88 -3.69
CA GLY C 121 -12.91 -9.95 -3.26
C GLY C 121 -13.46 -8.61 -2.81
N GLU C 122 -14.76 -8.58 -2.52
CA GLU C 122 -15.48 -7.46 -1.90
C GLU C 122 -15.76 -6.29 -2.84
N TYR C 123 -15.48 -6.40 -4.13
CA TYR C 123 -15.82 -5.32 -5.05
C TYR C 123 -16.89 -5.76 -6.05
N ALA C 124 -16.50 -6.51 -7.07
CA ALA C 124 -17.43 -7.09 -8.02
C ALA C 124 -17.05 -8.53 -8.31
N THR C 125 -16.91 -9.33 -7.25
CA THR C 125 -16.40 -10.68 -7.36
C THR C 125 -17.21 -11.74 -6.61
N ALA C 126 -18.17 -11.33 -5.78
CA ALA C 126 -19.05 -12.30 -5.11
C ALA C 126 -20.01 -12.86 -6.15
N THR C 127 -19.76 -14.09 -6.58
CA THR C 127 -20.51 -14.70 -7.66
C THR C 127 -21.00 -16.09 -7.28
N ALA C 128 -21.99 -16.57 -8.02
CA ALA C 128 -22.54 -17.90 -7.84
C ALA C 128 -23.26 -18.29 -9.12
N THR C 129 -23.44 -19.59 -9.30
CA THR C 129 -24.11 -20.13 -10.48
C THR C 129 -25.54 -20.48 -10.10
N ILE C 130 -26.48 -19.63 -10.51
CA ILE C 130 -27.89 -19.87 -10.23
C ILE C 130 -28.39 -21.05 -11.05
N MET C 131 -29.15 -21.94 -10.42
CA MET C 131 -29.71 -23.12 -11.06
C MET C 131 -31.19 -22.90 -11.26
N LEU C 132 -31.64 -22.92 -12.52
CA LEU C 132 -33.02 -22.62 -12.86
C LEU C 132 -33.87 -23.89 -12.82
N MET C 133 -35.19 -23.68 -12.84
CA MET C 133 -36.18 -24.74 -13.05
C MET C 133 -36.21 -25.72 -11.89
N GLY C 134 -35.99 -25.21 -10.68
CA GLY C 134 -36.13 -26.01 -9.47
C GLY C 134 -34.85 -26.73 -9.09
N ASP C 135 -34.86 -27.29 -7.88
CA ASP C 135 -33.72 -28.02 -7.34
C ASP C 135 -33.82 -29.52 -7.58
N THR C 136 -34.83 -29.97 -8.34
CA THR C 136 -35.04 -31.39 -8.59
C THR C 136 -34.88 -31.66 -10.08
N CYS C 137 -33.98 -32.57 -10.42
CA CYS C 137 -33.70 -32.94 -11.80
C CYS C 137 -34.47 -34.18 -12.20
N THR C 138 -34.84 -34.27 -13.48
CA THR C 138 -35.54 -35.45 -13.99
C THR C 138 -34.60 -36.60 -14.28
N ARG C 139 -33.29 -36.39 -14.22
CA ARG C 139 -32.31 -37.43 -14.50
C ARG C 139 -31.53 -37.77 -13.24
N GLY C 140 -30.95 -38.96 -13.23
CA GLY C 140 -30.20 -39.42 -12.09
C GLY C 140 -28.77 -39.80 -12.42
N CYS C 141 -27.95 -38.80 -12.75
CA CYS C 141 -26.54 -39.04 -12.99
C CYS C 141 -25.86 -39.54 -11.71
N ARG C 142 -24.99 -40.52 -11.86
CA ARG C 142 -24.37 -41.18 -10.72
C ARG C 142 -23.28 -40.34 -10.06
N PHE C 143 -22.93 -39.18 -10.63
CA PHE C 143 -21.93 -38.31 -10.05
C PHE C 143 -22.50 -37.04 -9.45
N CYS C 144 -23.77 -36.74 -9.68
CA CYS C 144 -24.39 -35.47 -9.31
C CYS C 144 -25.32 -35.69 -8.12
N SER C 145 -25.19 -34.83 -7.10
CA SER C 145 -25.99 -34.93 -5.89
C SER C 145 -27.29 -34.15 -5.95
N VAL C 146 -27.62 -33.57 -7.10
CA VAL C 146 -28.90 -32.88 -7.24
C VAL C 146 -30.03 -33.91 -7.13
N LYS C 147 -31.07 -33.55 -6.38
CA LYS C 147 -32.18 -34.45 -6.13
C LYS C 147 -32.83 -34.87 -7.45
N THR C 148 -33.50 -36.02 -7.41
CA THR C 148 -34.08 -36.64 -8.59
C THR C 148 -35.53 -37.01 -8.31
N ALA C 149 -36.43 -36.65 -9.23
CA ALA C 149 -37.82 -37.07 -9.15
C ALA C 149 -38.40 -37.12 -10.55
N ARG C 150 -39.35 -38.03 -10.76
CA ARG C 150 -39.95 -38.21 -12.07
C ARG C 150 -40.78 -37.00 -12.47
N ASN C 151 -41.55 -36.44 -11.53
CA ASN C 151 -42.45 -35.32 -11.80
C ASN C 151 -42.08 -34.14 -10.91
N PRO C 152 -41.12 -33.32 -11.33
CA PRO C 152 -40.79 -32.11 -10.57
C PRO C 152 -41.90 -31.08 -10.68
N PRO C 153 -41.94 -30.11 -9.77
CA PRO C 153 -43.01 -29.10 -9.80
C PRO C 153 -42.94 -28.27 -11.07
N PRO C 154 -44.04 -27.63 -11.47
CA PRO C 154 -44.03 -26.79 -12.67
C PRO C 154 -43.12 -25.59 -12.48
N LEU C 155 -42.79 -24.95 -13.60
CA LEU C 155 -41.86 -23.83 -13.58
C LEU C 155 -42.48 -22.61 -12.92
N ASP C 156 -41.67 -21.87 -12.18
CA ASP C 156 -42.06 -20.58 -11.64
C ASP C 156 -41.86 -19.52 -12.70
N ALA C 157 -42.97 -18.89 -13.13
CA ALA C 157 -42.88 -17.92 -14.21
C ALA C 157 -42.05 -16.71 -13.81
N SER C 158 -41.96 -16.43 -12.50
CA SER C 158 -41.21 -15.28 -12.00
C SER C 158 -39.72 -15.57 -11.79
N GLU C 159 -39.29 -16.82 -11.97
CA GLU C 159 -37.89 -17.14 -11.79
C GLU C 159 -36.97 -16.41 -12.76
N PRO C 160 -37.28 -16.27 -14.06
CA PRO C 160 -36.41 -15.46 -14.92
C PRO C 160 -36.37 -13.99 -14.50
N TYR C 161 -37.51 -13.45 -14.05
CA TYR C 161 -37.53 -12.07 -13.60
C TYR C 161 -36.77 -11.88 -12.30
N ASN C 162 -36.93 -12.82 -11.36
CA ASN C 162 -36.24 -12.71 -10.08
C ASN C 162 -34.74 -12.98 -10.22
N THR C 163 -34.35 -13.85 -11.16
CA THR C 163 -32.92 -14.10 -11.36
C THR C 163 -32.20 -12.85 -11.83
N ALA C 164 -32.83 -12.08 -12.73
CA ALA C 164 -32.25 -10.82 -13.16
C ALA C 164 -32.12 -9.83 -12.01
N LYS C 165 -33.07 -9.86 -11.06
CA LYS C 165 -32.95 -9.00 -9.88
C LYS C 165 -31.76 -9.39 -9.03
N ALA C 166 -31.54 -10.69 -8.84
CA ALA C 166 -30.43 -11.16 -8.01
C ALA C 166 -29.09 -10.78 -8.62
N ILE C 167 -28.95 -10.93 -9.94
CA ILE C 167 -27.69 -10.61 -10.61
C ILE C 167 -27.42 -9.11 -10.56
N ALA C 168 -28.45 -8.30 -10.83
CA ALA C 168 -28.29 -6.86 -10.73
C ALA C 168 -27.99 -6.43 -9.29
N GLU C 169 -28.53 -7.15 -8.31
CA GLU C 169 -28.23 -6.85 -6.91
C GLU C 169 -26.78 -7.18 -6.57
N TRP C 170 -26.19 -8.13 -7.29
CA TRP C 170 -24.79 -8.50 -7.08
C TRP C 170 -23.83 -7.67 -7.91
N GLY C 171 -24.32 -6.94 -8.92
CA GLY C 171 -23.47 -6.10 -9.75
C GLY C 171 -22.41 -6.85 -10.51
N LEU C 172 -22.81 -7.94 -11.17
CA LEU C 172 -21.87 -8.79 -11.89
C LEU C 172 -21.73 -8.33 -13.34
N ASP C 173 -20.51 -8.41 -13.86
CA ASP C 173 -20.26 -8.18 -15.27
C ASP C 173 -20.29 -9.47 -16.09
N TYR C 174 -20.07 -10.61 -15.45
CA TYR C 174 -20.11 -11.92 -16.11
C TYR C 174 -20.91 -12.85 -15.22
N VAL C 175 -22.03 -13.37 -15.74
CA VAL C 175 -22.92 -14.24 -14.98
C VAL C 175 -23.02 -15.57 -15.69
N VAL C 176 -23.05 -16.66 -14.92
CA VAL C 176 -23.23 -18.00 -15.43
C VAL C 176 -24.57 -18.52 -14.96
N LEU C 177 -25.38 -19.00 -15.90
CA LEU C 177 -26.69 -19.59 -15.60
C LEU C 177 -26.66 -21.08 -15.93
N THR C 178 -27.34 -21.87 -15.12
CA THR C 178 -27.50 -23.29 -15.38
C THR C 178 -28.86 -23.73 -14.85
N SER C 179 -29.15 -25.02 -15.02
CA SER C 179 -30.44 -25.54 -14.60
C SER C 179 -30.35 -27.05 -14.52
N VAL C 180 -31.33 -27.65 -13.84
CA VAL C 180 -31.52 -29.10 -13.87
C VAL C 180 -32.12 -29.44 -15.23
N ASP C 181 -32.20 -30.72 -15.55
CA ASP C 181 -32.87 -31.15 -16.76
C ASP C 181 -34.37 -31.28 -16.49
N ARG C 182 -35.17 -30.80 -17.43
CA ARG C 182 -36.63 -30.89 -17.35
C ARG C 182 -37.13 -31.68 -18.57
N ASP C 183 -36.82 -32.98 -18.58
CA ASP C 183 -37.29 -33.86 -19.65
C ASP C 183 -38.81 -33.99 -19.67
N ASP C 184 -39.49 -33.55 -18.60
CA ASP C 184 -40.95 -33.51 -18.62
C ASP C 184 -41.48 -32.36 -19.46
N MET C 185 -40.73 -31.27 -19.56
CA MET C 185 -41.16 -30.15 -20.38
C MET C 185 -40.98 -30.48 -21.85
N PRO C 186 -41.91 -30.06 -22.71
CA PRO C 186 -41.79 -30.37 -24.14
C PRO C 186 -40.56 -29.75 -24.80
N ASP C 187 -40.11 -28.60 -24.32
CA ASP C 187 -38.92 -27.94 -24.85
C ASP C 187 -37.72 -28.07 -23.91
N GLY C 188 -37.87 -28.80 -22.80
CA GLY C 188 -36.77 -29.01 -21.88
C GLY C 188 -36.45 -27.76 -21.10
N GLY C 189 -37.36 -26.79 -21.17
CA GLY C 189 -37.17 -25.52 -20.51
C GLY C 189 -36.33 -24.52 -21.28
N ALA C 190 -36.19 -24.68 -22.59
CA ALA C 190 -35.36 -23.75 -23.36
C ALA C 190 -35.93 -22.34 -23.33
N GLU C 191 -37.25 -22.21 -23.51
CA GLU C 191 -37.88 -20.89 -23.45
C GLU C 191 -37.68 -20.25 -22.08
N HIS C 192 -37.77 -21.05 -21.01
CA HIS C 192 -37.55 -20.54 -19.67
C HIS C 192 -36.14 -20.01 -19.51
N ILE C 193 -35.15 -20.73 -20.04
CA ILE C 193 -33.76 -20.29 -19.96
C ILE C 193 -33.55 -19.05 -20.82
N ALA C 194 -34.10 -19.05 -22.04
CA ALA C 194 -33.94 -17.90 -22.93
C ALA C 194 -34.59 -16.65 -22.36
N LYS C 195 -35.69 -16.82 -21.62
CA LYS C 195 -36.36 -15.66 -21.03
C LYS C 195 -35.53 -15.06 -19.90
N THR C 196 -34.75 -15.89 -19.20
CA THR C 196 -33.88 -15.37 -18.15
C THR C 196 -32.75 -14.53 -18.74
N VAL C 197 -32.21 -14.96 -19.89
CA VAL C 197 -31.15 -14.19 -20.54
C VAL C 197 -31.69 -12.87 -21.06
N SER C 198 -32.94 -12.87 -21.55
CA SER C 198 -33.54 -11.64 -22.07
C SER C 198 -33.74 -10.62 -20.96
N TYR C 199 -34.12 -11.08 -19.76
CA TYR C 199 -34.27 -10.18 -18.63
C TYR C 199 -32.93 -9.60 -18.20
N LEU C 200 -31.86 -10.41 -18.27
CA LEU C 200 -30.54 -9.94 -17.89
C LEU C 200 -30.05 -8.85 -18.83
N LYS C 201 -30.16 -9.08 -20.14
CA LYS C 201 -29.75 -8.08 -21.12
C LYS C 201 -30.68 -6.87 -21.13
N GLU C 202 -31.86 -6.98 -20.53
CA GLU C 202 -32.75 -5.82 -20.38
C GLU C 202 -32.26 -4.89 -19.28
N ARG C 203 -31.97 -5.45 -18.09
CA ARG C 203 -31.47 -4.63 -17.00
C ARG C 203 -30.04 -4.15 -17.25
N ASN C 204 -29.24 -4.94 -17.96
CA ASN C 204 -27.83 -4.62 -18.17
C ASN C 204 -27.42 -5.16 -19.53
N PRO C 205 -27.53 -4.34 -20.58
CA PRO C 205 -27.07 -4.78 -21.90
C PRO C 205 -25.58 -5.04 -21.98
N LYS C 206 -24.79 -4.51 -21.03
CA LYS C 206 -23.35 -4.70 -21.04
C LYS C 206 -22.91 -6.02 -20.41
N ILE C 207 -23.82 -6.76 -19.78
CA ILE C 207 -23.46 -7.94 -19.02
C ILE C 207 -23.12 -9.08 -19.98
N LEU C 208 -22.23 -9.97 -19.52
CA LEU C 208 -21.83 -11.16 -20.27
C LEU C 208 -22.48 -12.37 -19.62
N VAL C 209 -23.25 -13.11 -20.41
CA VAL C 209 -24.06 -14.22 -19.92
C VAL C 209 -23.53 -15.52 -20.51
N GLU C 210 -23.25 -16.49 -19.63
CA GLU C 210 -22.87 -17.84 -20.02
C GLU C 210 -23.94 -18.81 -19.54
N CYS C 211 -24.41 -19.67 -20.43
CA CYS C 211 -25.46 -20.63 -20.12
C CYS C 211 -24.89 -22.04 -20.16
N LEU C 212 -25.00 -22.74 -19.03
CA LEU C 212 -24.66 -24.16 -18.93
C LEU C 212 -25.97 -24.93 -19.07
N THR C 213 -26.32 -25.25 -20.32
CA THR C 213 -27.62 -25.81 -20.65
C THR C 213 -27.58 -27.34 -20.62
N PRO C 214 -28.74 -27.98 -20.44
CA PRO C 214 -28.80 -29.44 -20.66
C PRO C 214 -28.68 -29.79 -22.13
N ASP C 215 -28.69 -31.08 -22.45
CA ASP C 215 -28.60 -31.51 -23.84
C ASP C 215 -29.93 -31.42 -24.58
N PHE C 216 -31.05 -31.22 -23.86
CA PHE C 216 -32.39 -31.17 -24.43
C PHE C 216 -32.72 -32.41 -25.27
N ARG C 217 -32.04 -33.53 -25.00
CA ARG C 217 -32.19 -34.76 -25.78
C ARG C 217 -31.99 -34.51 -27.27
N GLY C 218 -31.09 -33.57 -27.59
CA GLY C 218 -30.76 -33.26 -28.97
C GLY C 218 -31.78 -32.47 -29.73
N ASP C 219 -32.78 -31.89 -29.05
CA ASP C 219 -33.79 -31.08 -29.72
C ASP C 219 -33.15 -29.85 -30.35
N LEU C 220 -33.09 -29.82 -31.68
CA LEU C 220 -32.42 -28.71 -32.37
C LEU C 220 -33.13 -27.40 -32.13
N LYS C 221 -34.46 -27.42 -32.04
CA LYS C 221 -35.22 -26.19 -31.82
C LYS C 221 -34.99 -25.64 -30.43
N ALA C 222 -34.79 -26.51 -29.44
CA ALA C 222 -34.51 -26.04 -28.08
C ALA C 222 -33.10 -25.50 -27.96
N ILE C 223 -32.15 -26.10 -28.67
CA ILE C 223 -30.76 -25.63 -28.61
C ILE C 223 -30.64 -24.24 -29.21
N GLU C 224 -31.18 -24.05 -30.42
CA GLU C 224 -31.12 -22.74 -31.06
C GLU C 224 -31.99 -21.71 -30.34
N LYS C 225 -32.96 -22.15 -29.55
CA LYS C 225 -33.75 -21.23 -28.76
C LYS C 225 -32.88 -20.52 -27.73
N VAL C 226 -31.97 -21.26 -27.10
CA VAL C 226 -31.05 -20.67 -26.13
C VAL C 226 -29.91 -19.95 -26.83
N ALA C 227 -29.44 -20.49 -27.95
CA ALA C 227 -28.31 -19.89 -28.65
C ALA C 227 -28.64 -18.53 -29.22
N LEU C 228 -29.89 -18.32 -29.62
CA LEU C 228 -30.33 -17.05 -30.21
C LEU C 228 -30.90 -16.08 -29.19
N SER C 229 -30.75 -16.36 -27.90
CA SER C 229 -31.33 -15.53 -26.85
C SER C 229 -30.42 -14.37 -26.45
N GLY C 230 -29.47 -14.00 -27.30
CA GLY C 230 -28.51 -12.98 -26.93
C GLY C 230 -27.41 -13.48 -26.03
N LEU C 231 -27.03 -14.74 -26.16
CA LEU C 231 -26.05 -15.37 -25.29
C LEU C 231 -24.64 -14.97 -25.71
N ASP C 232 -23.71 -15.08 -24.75
CA ASP C 232 -22.30 -14.82 -24.99
C ASP C 232 -21.44 -16.08 -24.98
N VAL C 233 -21.73 -17.01 -24.07
CA VAL C 233 -21.01 -18.28 -23.97
C VAL C 233 -22.05 -19.39 -23.84
N TYR C 234 -22.03 -20.35 -24.77
CA TYR C 234 -22.89 -21.51 -24.72
C TYR C 234 -22.08 -22.68 -24.18
N ALA C 235 -22.42 -23.15 -22.99
CA ALA C 235 -21.68 -24.21 -22.32
C ALA C 235 -22.56 -25.46 -22.20
N HIS C 236 -21.99 -26.60 -22.56
CA HIS C 236 -22.64 -27.89 -22.34
C HIS C 236 -21.55 -28.93 -22.14
N ASN C 237 -21.63 -29.67 -21.04
CA ASN C 237 -20.54 -30.55 -20.63
C ASN C 237 -20.70 -31.95 -21.19
N VAL C 238 -19.57 -32.54 -21.60
CA VAL C 238 -19.52 -33.97 -21.90
C VAL C 238 -19.17 -34.80 -20.69
N GLU C 239 -18.69 -34.17 -19.61
CA GLU C 239 -18.50 -34.77 -18.30
C GLU C 239 -17.38 -35.82 -18.27
N THR C 240 -17.36 -36.73 -19.23
CA THR C 240 -16.36 -37.80 -19.22
C THR C 240 -16.06 -38.22 -20.66
N VAL C 241 -15.18 -39.20 -20.79
CA VAL C 241 -14.76 -39.75 -22.08
C VAL C 241 -15.91 -40.58 -22.64
N PRO C 242 -15.94 -40.85 -23.95
CA PRO C 242 -17.08 -41.62 -24.51
C PRO C 242 -17.22 -43.01 -23.94
N GLU C 243 -16.14 -43.64 -23.49
CA GLU C 243 -16.22 -44.99 -22.96
C GLU C 243 -16.86 -45.05 -21.58
N LEU C 244 -16.99 -43.92 -20.88
CA LEU C 244 -17.56 -43.88 -19.55
C LEU C 244 -18.89 -43.14 -19.49
N GLN C 245 -19.50 -42.86 -20.64
CA GLN C 245 -20.76 -42.11 -20.66
C GLN C 245 -21.88 -42.89 -19.97
N SER C 246 -21.93 -44.20 -20.20
CA SER C 246 -23.02 -45.01 -19.64
C SER C 246 -22.87 -45.14 -18.13
N LYS C 247 -21.63 -45.26 -17.64
CA LYS C 247 -21.41 -45.45 -16.20
C LYS C 247 -21.65 -44.16 -15.44
N VAL C 248 -21.31 -43.02 -16.02
CA VAL C 248 -21.29 -41.76 -15.30
C VAL C 248 -22.59 -40.97 -15.51
N ARG C 249 -23.08 -40.90 -16.74
CA ARG C 249 -24.20 -40.03 -17.08
C ARG C 249 -25.49 -40.82 -17.22
N ASP C 250 -26.59 -40.09 -17.15
CA ASP C 250 -27.91 -40.67 -17.36
C ASP C 250 -28.01 -41.20 -18.79
N PRO C 251 -28.67 -42.35 -18.99
CA PRO C 251 -28.72 -42.94 -20.35
C PRO C 251 -29.35 -42.04 -21.40
N ARG C 252 -30.12 -41.03 -21.00
CA ARG C 252 -30.67 -40.08 -21.96
C ARG C 252 -29.63 -39.12 -22.51
N ALA C 253 -28.39 -39.19 -22.03
CA ALA C 253 -27.29 -38.38 -22.53
C ALA C 253 -26.18 -39.28 -23.06
N ASN C 254 -25.52 -38.85 -24.13
CA ASN C 254 -24.39 -39.58 -24.69
C ASN C 254 -23.37 -38.57 -25.20
N PHE C 255 -22.20 -39.08 -25.57
CA PHE C 255 -21.09 -38.20 -25.98
C PHE C 255 -21.41 -37.50 -27.30
N ASP C 256 -21.84 -38.25 -28.31
CA ASP C 256 -22.10 -37.65 -29.62
C ASP C 256 -23.23 -36.63 -29.55
N GLN C 257 -24.19 -36.82 -28.65
CA GLN C 257 -25.28 -35.86 -28.52
C GLN C 257 -24.78 -34.55 -27.90
N SER C 258 -23.89 -34.64 -26.92
CA SER C 258 -23.34 -33.43 -26.31
C SER C 258 -22.52 -32.62 -27.30
N LEU C 259 -21.87 -33.29 -28.26
CA LEU C 259 -21.13 -32.55 -29.29
C LEU C 259 -22.06 -31.91 -30.30
N ARG C 260 -23.20 -32.55 -30.60
CA ARG C 260 -24.19 -31.95 -31.49
C ARG C 260 -24.74 -30.67 -30.89
N VAL C 261 -24.92 -30.63 -29.58
CA VAL C 261 -25.41 -29.41 -28.92
C VAL C 261 -24.43 -28.26 -29.14
N LEU C 262 -23.13 -28.53 -28.97
CA LEU C 262 -22.13 -27.49 -29.14
C LEU C 262 -21.95 -27.12 -30.61
N LYS C 263 -22.00 -28.11 -31.51
CA LYS C 263 -21.86 -27.82 -32.93
C LYS C 263 -23.06 -27.05 -33.45
N HIS C 264 -24.27 -27.41 -33.01
CA HIS C 264 -25.46 -26.71 -33.49
C HIS C 264 -25.59 -25.33 -32.89
N ALA C 265 -25.02 -25.11 -31.70
CA ALA C 265 -25.04 -23.78 -31.11
C ALA C 265 -24.24 -22.79 -31.94
N LYS C 266 -23.03 -23.19 -32.35
CA LYS C 266 -22.23 -22.34 -33.23
C LYS C 266 -22.81 -22.25 -34.63
N LYS C 267 -23.49 -23.31 -35.08
CA LYS C 267 -24.03 -23.32 -36.43
C LYS C 267 -25.11 -22.26 -36.60
N VAL C 268 -25.99 -22.10 -35.59
CA VAL C 268 -27.04 -21.10 -35.67
C VAL C 268 -26.56 -19.73 -35.20
N GLN C 269 -25.55 -19.69 -34.33
CA GLN C 269 -25.00 -18.44 -33.81
C GLN C 269 -23.48 -18.52 -33.91
N PRO C 270 -22.90 -18.10 -35.03
CA PRO C 270 -21.44 -18.20 -35.17
C PRO C 270 -20.67 -17.35 -34.19
N ASP C 271 -21.22 -16.22 -33.75
CA ASP C 271 -20.51 -15.33 -32.83
C ASP C 271 -20.42 -15.89 -31.42
N VAL C 272 -21.15 -16.96 -31.11
CA VAL C 272 -21.13 -17.49 -29.75
C VAL C 272 -19.81 -18.21 -29.49
N ILE C 273 -19.50 -18.41 -28.21
CA ILE C 273 -18.30 -19.09 -27.76
C ILE C 273 -18.71 -20.41 -27.14
N SER C 274 -18.19 -21.51 -27.66
CA SER C 274 -18.49 -22.83 -27.11
C SER C 274 -17.66 -23.08 -25.86
N LYS C 275 -18.18 -23.95 -25.00
CA LYS C 275 -17.50 -24.28 -23.75
C LYS C 275 -18.00 -25.64 -23.26
N THR C 276 -17.09 -26.43 -22.70
CA THR C 276 -17.45 -27.74 -22.17
C THR C 276 -16.48 -28.11 -21.05
N SER C 277 -16.89 -29.08 -20.24
CA SER C 277 -16.12 -29.47 -19.07
C SER C 277 -16.07 -31.00 -18.98
N ILE C 278 -14.93 -31.50 -18.47
CA ILE C 278 -14.70 -32.92 -18.28
C ILE C 278 -14.22 -33.15 -16.87
N MET C 279 -14.68 -34.23 -16.25
CA MET C 279 -14.23 -34.64 -14.92
C MET C 279 -13.20 -35.75 -15.06
N LEU C 280 -12.08 -35.61 -14.37
CA LEU C 280 -11.04 -36.63 -14.34
C LEU C 280 -11.10 -37.39 -13.02
N GLY C 281 -10.77 -38.68 -13.08
CA GLY C 281 -10.76 -39.53 -11.91
C GLY C 281 -11.88 -40.54 -11.84
N LEU C 282 -12.63 -40.76 -12.93
CA LEU C 282 -13.73 -41.70 -12.96
C LEU C 282 -13.36 -43.04 -13.58
N GLY C 283 -12.08 -43.26 -13.88
CA GLY C 283 -11.64 -44.49 -14.51
C GLY C 283 -11.07 -44.33 -15.91
N GLU C 284 -11.04 -43.12 -16.46
CA GLU C 284 -10.48 -42.90 -17.79
C GLU C 284 -8.96 -42.92 -17.75
N ASN C 285 -8.35 -43.11 -18.92
CA ASN C 285 -6.91 -43.11 -19.06
C ASN C 285 -6.47 -41.95 -19.94
N ASP C 286 -5.14 -41.74 -19.99
CA ASP C 286 -4.60 -40.62 -20.75
C ASP C 286 -4.89 -40.76 -22.24
N GLU C 287 -4.97 -41.98 -22.75
CA GLU C 287 -5.24 -42.18 -24.17
C GLU C 287 -6.66 -41.76 -24.51
N GLN C 288 -7.62 -41.93 -23.59
CA GLN C 288 -8.99 -41.54 -23.83
C GLN C 288 -9.20 -40.04 -23.64
N VAL C 289 -8.50 -39.43 -22.68
CA VAL C 289 -8.64 -37.99 -22.46
C VAL C 289 -8.10 -37.21 -23.64
N TYR C 290 -6.92 -37.61 -24.15
CA TYR C 290 -6.33 -36.92 -25.30
C TYR C 290 -7.21 -37.07 -26.53
N ALA C 291 -7.84 -38.22 -26.71
CA ALA C 291 -8.72 -38.43 -27.85
C ALA C 291 -10.03 -37.66 -27.69
N THR C 292 -10.50 -37.48 -26.46
CA THR C 292 -11.70 -36.68 -26.24
C THR C 292 -11.44 -35.20 -26.50
N MET C 293 -10.26 -34.71 -26.11
CA MET C 293 -9.92 -33.32 -26.40
C MET C 293 -9.76 -33.07 -27.89
N LYS C 294 -9.35 -34.08 -28.65
CA LYS C 294 -9.29 -33.94 -30.10
C LYS C 294 -10.69 -33.84 -30.71
N ALA C 295 -11.61 -34.71 -30.27
CA ALA C 295 -12.96 -34.68 -30.79
C ALA C 295 -13.67 -33.37 -30.45
N LEU C 296 -13.38 -32.80 -29.28
CA LEU C 296 -13.96 -31.52 -28.91
C LEU C 296 -13.43 -30.40 -29.79
N ARG C 297 -12.11 -30.36 -29.98
CA ARG C 297 -11.52 -29.34 -30.84
C ARG C 297 -11.92 -29.53 -32.30
N GLU C 298 -12.21 -30.77 -32.70
CA GLU C 298 -12.75 -31.00 -34.04
C GLU C 298 -14.15 -30.44 -34.17
N ALA C 299 -14.95 -30.50 -33.11
CA ALA C 299 -16.29 -29.92 -33.08
C ALA C 299 -16.28 -28.42 -32.88
N ASP C 300 -15.13 -27.77 -33.05
CA ASP C 300 -15.00 -26.31 -32.97
C ASP C 300 -15.37 -25.78 -31.58
N VAL C 301 -15.11 -26.56 -30.55
CA VAL C 301 -15.34 -26.11 -29.18
C VAL C 301 -14.22 -25.17 -28.77
N ASP C 302 -14.59 -23.97 -28.29
CA ASP C 302 -13.60 -22.94 -28.02
C ASP C 302 -12.90 -23.17 -26.68
N CYS C 303 -13.67 -23.45 -25.63
CA CYS C 303 -13.14 -23.49 -24.28
C CYS C 303 -13.34 -24.88 -23.67
N LEU C 304 -12.39 -25.27 -22.82
CA LEU C 304 -12.40 -26.58 -22.17
C LEU C 304 -12.08 -26.41 -20.69
N THR C 305 -12.67 -27.28 -19.88
CA THR C 305 -12.46 -27.26 -18.44
C THR C 305 -12.20 -28.68 -17.96
N LEU C 306 -11.12 -28.86 -17.20
CA LEU C 306 -10.76 -30.15 -16.62
C LEU C 306 -10.65 -30.01 -15.12
N GLY C 307 -11.30 -30.93 -14.39
CA GLY C 307 -11.30 -30.89 -12.94
C GLY C 307 -11.41 -32.29 -12.36
N GLN C 308 -11.11 -32.38 -11.07
CA GLN C 308 -11.16 -33.66 -10.37
C GLN C 308 -12.56 -33.96 -9.91
N TYR C 309 -13.07 -35.14 -10.26
CA TYR C 309 -14.34 -35.59 -9.70
C TYR C 309 -14.19 -35.89 -8.23
N MET C 310 -15.16 -35.45 -7.44
CA MET C 310 -15.16 -35.66 -6.00
C MET C 310 -16.50 -36.22 -5.57
N GLN C 311 -16.46 -37.23 -4.72
CA GLN C 311 -17.68 -37.93 -4.30
C GLN C 311 -18.59 -37.00 -3.50
N PRO C 312 -19.81 -36.71 -3.97
CA PRO C 312 -20.67 -35.75 -3.26
C PRO C 312 -21.31 -36.34 -2.01
N THR C 313 -21.89 -37.54 -2.14
CA THR C 313 -22.48 -38.25 -1.02
C THR C 313 -21.98 -39.69 -1.04
N ARG C 314 -22.34 -40.45 0.00
CA ARG C 314 -21.97 -41.87 0.03
C ARG C 314 -22.65 -42.66 -1.07
N ARG C 315 -23.84 -42.23 -1.50
CA ARG C 315 -24.63 -42.95 -2.48
C ARG C 315 -24.16 -42.74 -3.92
N HIS C 316 -23.17 -41.88 -4.15
CA HIS C 316 -22.71 -41.58 -5.50
C HIS C 316 -21.39 -42.29 -5.78
N LEU C 317 -20.88 -42.07 -6.99
CA LEU C 317 -19.70 -42.81 -7.46
C LEU C 317 -18.48 -42.47 -6.62
N LYS C 318 -17.67 -43.50 -6.35
CA LYS C 318 -16.41 -43.30 -5.66
C LYS C 318 -15.34 -42.83 -6.64
N VAL C 319 -14.42 -42.01 -6.13
CA VAL C 319 -13.31 -41.52 -6.95
C VAL C 319 -12.40 -42.70 -7.28
N GLU C 320 -12.19 -42.95 -8.57
CA GLU C 320 -11.32 -44.05 -8.98
C GLU C 320 -9.84 -43.68 -8.85
N GLU C 321 -9.50 -42.40 -9.02
CA GLU C 321 -8.12 -41.96 -8.92
C GLU C 321 -8.11 -40.45 -8.72
N TYR C 322 -7.26 -39.98 -7.81
CA TYR C 322 -7.08 -38.56 -7.58
C TYR C 322 -5.91 -38.08 -8.44
N ILE C 323 -6.22 -37.31 -9.47
CA ILE C 323 -5.20 -36.84 -10.42
C ILE C 323 -4.34 -35.79 -9.75
N THR C 324 -3.03 -35.87 -9.99
CA THR C 324 -2.09 -34.96 -9.36
C THR C 324 -2.24 -33.54 -9.94
N PRO C 325 -1.90 -32.52 -9.16
CA PRO C 325 -1.95 -31.15 -9.70
C PRO C 325 -1.02 -30.94 -10.89
N GLU C 326 0.13 -31.64 -10.91
CA GLU C 326 1.04 -31.50 -12.03
C GLU C 326 0.46 -32.11 -13.31
N LYS C 327 -0.34 -33.16 -13.19
CA LYS C 327 -0.97 -33.76 -14.36
C LYS C 327 -2.03 -32.84 -14.95
N PHE C 328 -2.76 -32.11 -14.09
CA PHE C 328 -3.71 -31.13 -14.59
C PHE C 328 -3.02 -30.03 -15.37
N LYS C 329 -1.86 -29.56 -14.88
CA LYS C 329 -1.11 -28.54 -15.60
C LYS C 329 -0.55 -29.07 -16.91
N TYR C 330 -0.36 -30.39 -17.03
CA TYR C 330 0.02 -30.95 -18.33
C TYR C 330 -1.15 -30.91 -19.30
N TRP C 331 -2.36 -31.23 -18.85
CA TRP C 331 -3.51 -31.19 -19.72
C TRP C 331 -3.81 -29.76 -20.18
N GLU C 332 -3.49 -28.76 -19.35
CA GLU C 332 -3.60 -27.38 -19.80
C GLU C 332 -2.65 -27.10 -20.95
N LYS C 333 -1.42 -27.63 -20.87
CA LYS C 333 -0.48 -27.50 -21.98
C LYS C 333 -1.01 -28.18 -23.23
N VAL C 334 -1.69 -29.32 -23.08
CA VAL C 334 -2.26 -30.01 -24.23
C VAL C 334 -3.38 -29.18 -24.85
N GLY C 335 -4.20 -28.53 -24.02
CA GLY C 335 -5.25 -27.69 -24.55
C GLY C 335 -4.72 -26.53 -25.37
N ASN C 336 -3.55 -26.00 -25.00
CA ASN C 336 -2.96 -24.93 -25.79
C ASN C 336 -2.40 -25.45 -27.10
N GLU C 337 -1.86 -26.67 -27.10
CA GLU C 337 -1.37 -27.26 -28.34
C GLU C 337 -2.51 -27.53 -29.31
N LEU C 338 -3.68 -27.91 -28.79
CA LEU C 338 -4.81 -28.24 -29.64
C LEU C 338 -5.54 -27.01 -30.15
N GLY C 339 -5.32 -25.85 -29.55
CA GLY C 339 -5.87 -24.61 -30.05
C GLY C 339 -7.08 -24.07 -29.30
N PHE C 340 -7.38 -24.61 -28.12
CA PHE C 340 -8.47 -24.07 -27.31
C PHE C 340 -8.17 -22.63 -26.93
N HIS C 341 -9.19 -21.77 -27.00
CA HIS C 341 -9.01 -20.37 -26.66
C HIS C 341 -8.55 -20.20 -25.22
N TYR C 342 -9.01 -21.07 -24.32
CA TYR C 342 -8.39 -21.23 -23.01
C TYR C 342 -8.71 -22.63 -22.51
N THR C 343 -7.89 -23.09 -21.57
CA THR C 343 -8.05 -24.43 -20.99
C THR C 343 -7.89 -24.30 -19.48
N ALA C 344 -9.01 -24.25 -18.77
CA ALA C 344 -9.01 -24.18 -17.31
C ALA C 344 -8.85 -25.58 -16.75
N SER C 345 -7.64 -25.90 -16.28
CA SER C 345 -7.33 -27.23 -15.78
C SER C 345 -6.78 -27.12 -14.36
N GLY C 346 -7.29 -27.97 -13.48
CA GLY C 346 -6.88 -27.98 -12.10
C GLY C 346 -7.75 -28.90 -11.28
N PRO C 347 -7.25 -29.34 -10.12
CA PRO C 347 -8.04 -30.28 -9.28
C PRO C 347 -9.40 -29.73 -8.88
N LEU C 348 -9.46 -28.49 -8.40
CA LEU C 348 -10.72 -27.89 -7.96
C LEU C 348 -11.39 -27.07 -9.06
N VAL C 349 -10.94 -27.20 -10.30
CA VAL C 349 -11.51 -26.42 -11.40
C VAL C 349 -12.85 -27.01 -11.79
N ARG C 350 -13.89 -26.17 -11.80
CA ARG C 350 -15.22 -26.53 -12.27
C ARG C 350 -15.56 -25.68 -13.48
N SER C 351 -16.74 -25.93 -14.05
CA SER C 351 -17.15 -25.22 -15.26
C SER C 351 -17.29 -23.73 -15.01
N SER C 352 -17.82 -23.35 -13.85
CA SER C 352 -18.06 -21.96 -13.50
C SER C 352 -16.93 -21.35 -12.68
N TYR C 353 -15.90 -22.12 -12.35
CA TYR C 353 -14.86 -21.65 -11.45
C TYR C 353 -14.06 -20.54 -12.13
N LYS C 354 -14.26 -19.30 -11.67
CA LYS C 354 -13.59 -18.13 -12.23
C LYS C 354 -13.85 -18.02 -13.73
N ALA C 355 -15.08 -18.32 -14.14
CA ALA C 355 -15.42 -18.33 -15.56
C ALA C 355 -15.24 -16.96 -16.19
N GLY C 356 -15.64 -15.91 -15.48
CA GLY C 356 -15.48 -14.56 -16.02
C GLY C 356 -14.02 -14.18 -16.20
N GLU C 357 -13.17 -14.56 -15.25
CA GLU C 357 -11.75 -14.24 -15.36
C GLU C 357 -11.09 -14.96 -16.54
N PHE C 358 -11.43 -16.24 -16.73
CA PHE C 358 -10.90 -16.97 -17.88
C PHE C 358 -11.39 -16.38 -19.20
N PHE C 359 -12.65 -15.91 -19.22
CA PHE C 359 -13.22 -15.37 -20.43
C PHE C 359 -12.55 -14.05 -20.82
N LEU C 360 -12.38 -13.15 -19.84
CA LEU C 360 -11.84 -11.83 -20.15
C LEU C 360 -10.34 -11.86 -20.43
N LYS C 361 -9.61 -12.75 -19.77
CA LYS C 361 -8.16 -12.81 -19.92
C LYS C 361 -7.70 -13.57 -21.15
N ASN C 362 -8.61 -14.09 -21.97
CA ASN C 362 -8.21 -14.91 -23.10
C ASN C 362 -8.97 -14.56 -24.37
N LEU C 363 -10.26 -14.26 -24.26
CA LEU C 363 -11.09 -14.06 -25.43
C LEU C 363 -11.21 -12.61 -25.86
N VAL C 364 -10.91 -11.66 -24.97
CA VAL C 364 -10.96 -10.26 -25.36
C VAL C 364 -9.80 -9.92 -26.29
N ALA C 365 -8.65 -10.58 -26.11
CA ALA C 365 -7.49 -10.37 -26.98
C ALA C 365 -7.30 -11.54 -27.93
N SER D 105 22.32 33.29 28.62
CA SER D 105 23.54 33.76 27.98
C SER D 105 23.31 35.11 27.29
N VAL D 106 24.21 35.44 26.36
CA VAL D 106 24.11 36.70 25.64
C VAL D 106 23.38 36.48 24.31
N LYS D 107 23.49 35.27 23.76
CA LYS D 107 22.74 34.88 22.53
C LYS D 107 22.61 33.39 22.41
N LEU E 48 15.41 -1.65 38.31
CA LEU E 48 14.49 -1.88 37.20
C LEU E 48 14.59 -3.32 36.72
N SER E 49 13.60 -3.76 35.95
CA SER E 49 13.53 -5.13 35.45
C SER E 49 13.65 -5.14 33.93
N VAL E 50 13.69 -6.35 33.37
CA VAL E 50 13.79 -6.48 31.92
C VAL E 50 12.45 -6.14 31.27
N ARG E 51 12.50 -5.79 30.00
CA ARG E 51 11.32 -5.36 29.26
C ARG E 51 10.55 -6.56 28.72
N LYS E 52 9.26 -6.60 28.99
CA LYS E 52 8.37 -7.63 28.46
C LYS E 52 7.27 -6.98 27.63
N PHE E 53 6.90 -7.63 26.53
CA PHE E 53 5.98 -7.07 25.55
C PHE E 53 4.69 -7.89 25.49
N THR E 54 3.64 -7.24 25.00
CA THR E 54 2.36 -7.87 24.74
C THR E 54 2.11 -7.96 23.24
N GLU E 55 1.04 -8.65 22.86
CA GLU E 55 0.72 -8.81 21.44
C GLU E 55 0.25 -7.51 20.80
N LYS E 56 -0.21 -6.54 21.60
CA LYS E 56 -0.58 -5.22 21.10
C LYS E 56 0.61 -4.28 21.01
N HIS E 57 1.83 -4.81 21.05
CA HIS E 57 3.06 -4.04 20.88
C HIS E 57 3.26 -3.02 21.99
N GLU E 58 2.96 -3.42 23.23
CA GLU E 58 3.19 -2.58 24.40
C GLU E 58 4.11 -3.30 25.37
N TRP E 59 5.08 -2.56 25.90
CA TRP E 59 6.05 -3.11 26.84
C TRP E 59 5.73 -2.65 28.26
N VAL E 60 6.39 -3.30 29.22
CA VAL E 60 6.22 -2.94 30.63
C VAL E 60 7.48 -3.35 31.38
N THR E 61 7.91 -2.49 32.29
CA THR E 61 9.02 -2.78 33.21
C THR E 61 8.56 -2.45 34.62
N THR E 62 8.92 -3.31 35.57
CA THR E 62 8.49 -3.18 36.95
C THR E 62 9.64 -2.70 37.82
N GLU E 63 9.30 -1.96 38.88
CA GLU E 63 10.28 -1.45 39.82
C GLU E 63 9.56 -1.00 41.08
N ASN E 64 9.83 -1.67 42.20
CA ASN E 64 9.23 -1.34 43.49
C ASN E 64 7.70 -1.39 43.44
N GLY E 65 7.17 -2.35 42.70
CA GLY E 65 5.73 -2.49 42.58
C GLY E 65 5.07 -1.47 41.68
N ILE E 66 5.83 -0.79 40.82
CA ILE E 66 5.30 0.20 39.90
C ILE E 66 5.71 -0.20 38.50
N GLY E 67 4.74 -0.27 37.59
CA GLY E 67 4.97 -0.68 36.22
C GLY E 67 4.89 0.51 35.27
N THR E 68 5.93 0.66 34.46
CA THR E 68 5.98 1.68 33.42
C THR E 68 5.59 1.06 32.09
N VAL E 69 4.70 1.73 31.35
CA VAL E 69 4.09 1.18 30.15
C VAL E 69 4.37 2.10 28.97
N GLY E 70 4.71 1.51 27.83
CA GLY E 70 4.88 2.23 26.59
C GLY E 70 4.67 1.32 25.42
N ILE E 71 4.94 1.85 24.21
CA ILE E 71 4.81 1.07 22.99
C ILE E 71 6.22 0.77 22.46
N SER E 72 6.32 -0.32 21.69
CA SER E 72 7.59 -0.81 21.21
C SER E 72 8.09 0.03 20.04
N ASN E 73 9.37 -0.17 19.70
CA ASN E 73 9.95 0.52 18.55
C ASN E 73 9.33 0.06 17.25
N PHE E 74 8.92 -1.21 17.18
CA PHE E 74 8.24 -1.70 15.98
C PHE E 74 6.89 -1.02 15.79
N ALA E 75 6.20 -0.70 16.88
CA ALA E 75 4.90 -0.05 16.77
C ALA E 75 5.04 1.41 16.37
N GLN E 76 6.00 2.13 16.96
CA GLN E 76 6.13 3.55 16.68
C GLN E 76 6.59 3.79 15.25
N GLU E 77 7.46 2.93 14.72
CA GLU E 77 7.88 3.06 13.33
C GLU E 77 6.72 2.78 12.37
N ALA E 78 5.77 1.95 12.79
CA ALA E 78 4.62 1.64 11.96
C ALA E 78 3.53 2.71 12.04
N LEU E 79 3.48 3.47 13.13
CA LEU E 79 2.45 4.50 13.31
C LEU E 79 2.80 5.82 12.63
N GLY E 80 4.06 6.24 12.72
CA GLY E 80 4.47 7.52 12.18
C GLY E 80 4.63 8.57 13.27
N ASP E 81 4.74 9.81 12.83
CA ASP E 81 4.95 10.94 13.73
C ASP E 81 3.73 11.13 14.62
N VAL E 82 3.86 10.82 15.91
CA VAL E 82 2.77 10.98 16.85
C VAL E 82 2.55 12.46 17.10
N VAL E 83 1.30 12.90 16.99
CA VAL E 83 0.97 14.31 17.17
C VAL E 83 0.08 14.55 18.39
N TYR E 84 -0.56 13.53 18.94
CA TYR E 84 -1.39 13.68 20.13
C TYR E 84 -1.43 12.37 20.89
N CYS E 85 -1.26 12.47 22.21
CA CYS E 85 -1.30 11.30 23.10
C CYS E 85 -2.53 11.43 23.99
N SER E 86 -3.50 10.55 23.79
CA SER E 86 -4.68 10.48 24.64
C SER E 86 -4.37 9.54 25.80
N LEU E 87 -4.09 10.12 26.98
CA LEU E 87 -3.68 9.36 28.14
C LEU E 87 -4.74 9.41 29.23
N PRO E 88 -4.83 8.37 30.07
CA PRO E 88 -5.84 8.38 31.15
C PRO E 88 -5.45 9.32 32.27
N GLU E 89 -6.33 9.48 33.25
CA GLU E 89 -6.07 10.33 34.40
C GLU E 89 -5.54 9.52 35.56
N VAL E 90 -4.79 10.18 36.43
CA VAL E 90 -4.19 9.50 37.57
C VAL E 90 -5.28 8.98 38.49
N GLY E 91 -5.16 7.71 38.88
CA GLY E 91 -6.15 7.05 39.72
C GLY E 91 -7.11 6.16 38.97
N THR E 92 -7.05 6.14 37.64
CA THR E 92 -7.95 5.31 36.84
C THR E 92 -7.63 3.84 37.07
N LYS E 93 -8.64 3.07 37.48
CA LYS E 93 -8.47 1.63 37.67
C LYS E 93 -8.51 0.94 36.32
N LEU E 94 -7.50 0.14 36.02
CA LEU E 94 -7.37 -0.56 34.75
C LEU E 94 -7.32 -2.06 34.98
N ASN E 95 -7.98 -2.81 34.11
CA ASN E 95 -7.83 -4.25 34.02
C ASN E 95 -6.99 -4.60 32.79
N LYS E 96 -6.56 -5.85 32.73
CA LYS E 96 -5.73 -6.29 31.63
C LYS E 96 -6.50 -6.21 30.31
N GLN E 97 -5.83 -5.75 29.26
CA GLN E 97 -6.37 -5.58 27.91
C GLN E 97 -7.45 -4.52 27.84
N ASP E 98 -7.59 -3.67 28.86
CA ASP E 98 -8.53 -2.57 28.81
C ASP E 98 -7.94 -1.39 28.05
N GLU E 99 -8.78 -0.73 27.27
CA GLU E 99 -8.35 0.45 26.52
C GLU E 99 -8.19 1.63 27.47
N PHE E 100 -6.95 2.08 27.67
CA PHE E 100 -6.68 3.20 28.56
C PHE E 100 -6.35 4.49 27.80
N GLY E 101 -6.30 4.45 26.47
CA GLY E 101 -6.02 5.65 25.71
C GLY E 101 -5.82 5.34 24.25
N ALA E 102 -5.22 6.30 23.54
CA ALA E 102 -4.97 6.13 22.11
C ALA E 102 -3.85 7.06 21.69
N LEU E 103 -3.10 6.63 20.69
CA LEU E 103 -2.06 7.43 20.05
C LEU E 103 -2.53 7.79 18.65
N GLU E 104 -2.37 9.05 18.28
CA GLU E 104 -2.76 9.53 16.96
C GLU E 104 -1.55 10.13 16.26
N SER E 105 -1.22 9.60 15.09
CA SER E 105 -0.15 10.11 14.27
C SER E 105 -0.73 10.93 13.12
N VAL E 106 0.13 11.31 12.18
CA VAL E 106 -0.30 12.12 11.05
C VAL E 106 -1.05 11.28 10.02
N LYS E 107 -0.63 10.02 9.85
CA LYS E 107 -1.25 9.12 8.83
C LYS E 107 -1.89 7.91 9.44
N ALA E 108 -1.87 7.81 10.76
CA ALA E 108 -2.39 6.62 11.44
C ALA E 108 -2.87 6.94 12.85
N ALA E 109 -3.52 5.95 13.47
CA ALA E 109 -4.00 6.07 14.83
C ALA E 109 -4.06 4.68 15.44
N SER E 110 -3.78 4.60 16.75
CA SER E 110 -3.72 3.33 17.45
C SER E 110 -4.34 3.47 18.83
N GLU E 111 -5.16 2.50 19.21
CA GLU E 111 -5.78 2.47 20.52
C GLU E 111 -4.88 1.70 21.49
N LEU E 112 -4.60 2.30 22.64
CA LEU E 112 -3.72 1.70 23.63
C LEU E 112 -4.52 0.78 24.56
N TYR E 113 -4.01 -0.43 24.77
CA TYR E 113 -4.63 -1.40 25.65
C TYR E 113 -3.69 -1.70 26.81
N SER E 114 -4.25 -1.81 28.01
CA SER E 114 -3.43 -1.95 29.20
C SER E 114 -2.79 -3.33 29.27
N PRO E 115 -1.48 -3.42 29.49
CA PRO E 115 -0.84 -4.75 29.63
C PRO E 115 -1.04 -5.39 30.99
N LEU E 116 -1.36 -4.60 32.02
CA LEU E 116 -1.50 -5.10 33.38
C LEU E 116 -2.80 -4.60 33.99
N SER E 117 -3.11 -5.12 35.17
CA SER E 117 -4.26 -4.68 35.96
C SER E 117 -3.75 -3.88 37.15
N GLY E 118 -4.29 -2.68 37.33
CA GLY E 118 -3.88 -1.85 38.45
C GLY E 118 -4.46 -0.46 38.33
N GLU E 119 -3.87 0.46 39.09
CA GLU E 119 -4.31 1.84 39.16
C GLU E 119 -3.24 2.74 38.56
N VAL E 120 -3.65 3.66 37.68
CA VAL E 120 -2.71 4.56 37.02
C VAL E 120 -2.09 5.47 38.06
N THR E 121 -0.76 5.42 38.16
CA THR E 121 -0.04 6.22 39.14
C THR E 121 0.46 7.53 38.56
N GLU E 122 0.91 7.52 37.31
CA GLU E 122 1.49 8.70 36.69
C GLU E 122 1.32 8.62 35.18
N ILE E 123 1.23 9.79 34.55
CA ILE E 123 1.26 9.89 33.09
C ILE E 123 2.39 10.83 32.71
N ASN E 124 2.91 10.64 31.50
CA ASN E 124 4.03 11.44 31.01
C ASN E 124 3.48 12.79 30.54
N GLU E 125 3.67 13.83 31.34
CA GLU E 125 3.19 15.16 30.98
C GLU E 125 3.99 15.75 29.84
N ALA E 126 5.22 15.29 29.61
CA ALA E 126 6.03 15.81 28.53
C ALA E 126 5.46 15.49 27.16
N LEU E 127 4.60 14.48 27.06
CA LEU E 127 4.03 14.10 25.78
C LEU E 127 2.99 15.11 25.29
N ALA E 128 2.44 15.93 26.19
CA ALA E 128 1.44 16.92 25.78
C ALA E 128 2.06 17.97 24.88
N GLU E 129 3.18 18.55 25.31
CA GLU E 129 3.86 19.59 24.53
C GLU E 129 4.83 19.01 23.51
N ASN E 130 5.28 17.77 23.70
CA ASN E 130 6.24 17.13 22.80
C ASN E 130 5.83 15.68 22.60
N PRO E 131 4.80 15.42 21.79
CA PRO E 131 4.36 14.03 21.57
C PRO E 131 5.31 13.22 20.72
N GLY E 132 6.33 13.83 20.11
CA GLY E 132 7.31 13.09 19.35
C GLY E 132 8.22 12.21 20.18
N LEU E 133 8.17 12.33 21.50
CA LEU E 133 9.00 11.48 22.35
C LEU E 133 8.63 10.01 22.21
N VAL E 134 7.38 9.72 21.83
CA VAL E 134 6.97 8.34 21.61
C VAL E 134 7.76 7.73 20.45
N ASN E 135 8.00 8.52 19.40
CA ASN E 135 8.78 8.03 18.27
C ASN E 135 10.28 8.11 18.54
N LYS E 136 10.74 9.19 19.18
CA LYS E 136 12.17 9.40 19.37
C LYS E 136 12.75 8.47 20.44
N SER E 137 12.02 8.28 21.56
CA SER E 137 12.53 7.55 22.72
C SER E 137 11.41 6.71 23.33
N CYS E 138 10.91 5.73 22.57
CA CYS E 138 9.78 4.93 23.01
C CYS E 138 10.11 4.09 24.24
N TYR E 139 11.39 3.84 24.52
CA TYR E 139 11.80 3.02 25.65
C TYR E 139 12.30 3.82 26.84
N GLU E 140 12.54 5.12 26.67
CA GLU E 140 13.07 5.93 27.77
C GLU E 140 12.21 7.16 28.03
N ASP E 141 12.43 8.23 27.26
CA ASP E 141 11.72 9.48 27.48
C ASP E 141 10.31 9.48 26.95
N GLY E 142 9.89 8.45 26.22
CA GLY E 142 8.57 8.44 25.63
C GLY E 142 7.63 7.42 26.26
N TRP E 143 7.83 7.11 27.53
CA TRP E 143 6.91 6.24 28.24
C TRP E 143 5.54 6.88 28.31
N LEU E 144 4.50 6.05 28.42
CA LEU E 144 3.12 6.54 28.38
C LEU E 144 2.58 6.78 29.80
N ILE E 145 2.35 5.70 30.53
CA ILE E 145 1.80 5.79 31.88
C ILE E 145 2.61 4.93 32.83
N LYS E 146 2.42 5.18 34.12
CA LYS E 146 2.93 4.33 35.19
C LYS E 146 1.76 3.90 36.06
N MET E 147 1.75 2.64 36.47
CA MET E 147 0.62 2.08 37.20
C MET E 147 1.12 1.08 38.23
N THR E 148 0.20 0.67 39.10
CA THR E 148 0.48 -0.38 40.07
C THR E 148 0.12 -1.74 39.47
N LEU E 149 0.40 -2.80 40.22
CA LEU E 149 0.14 -4.17 39.77
C LEU E 149 -0.80 -4.82 40.78
N SER E 150 -2.10 -4.77 40.49
CA SER E 150 -3.07 -5.46 41.35
C SER E 150 -3.01 -6.96 41.17
N ASN E 151 -2.37 -7.45 40.11
CA ASN E 151 -2.18 -8.88 39.90
C ASN E 151 -0.83 -9.07 39.22
N PRO E 152 0.25 -9.17 40.00
CA PRO E 152 1.58 -9.27 39.40
C PRO E 152 1.83 -10.56 38.65
N SER E 153 0.98 -11.58 38.82
CA SER E 153 1.14 -12.83 38.09
C SER E 153 0.80 -12.69 36.61
N GLU E 154 0.30 -11.52 36.18
CA GLU E 154 -0.02 -11.31 34.78
C GLU E 154 1.23 -11.15 33.91
N LEU E 155 2.38 -10.85 34.52
CA LEU E 155 3.61 -10.69 33.75
C LEU E 155 4.06 -11.99 33.09
N ASP E 156 3.63 -13.14 33.61
CA ASP E 156 3.97 -14.41 32.99
C ASP E 156 3.28 -14.59 31.64
N GLU E 157 2.22 -13.84 31.37
CA GLU E 157 1.52 -13.94 30.09
C GLU E 157 2.20 -13.16 28.98
N LEU E 158 3.02 -12.18 29.33
CA LEU E 158 3.66 -11.34 28.32
C LEU E 158 4.88 -12.03 27.73
N MET E 159 5.27 -11.59 26.53
CA MET E 159 6.40 -12.17 25.83
C MET E 159 7.70 -11.50 26.30
N SER E 160 8.76 -12.31 26.37
CA SER E 160 10.08 -11.76 26.64
C SER E 160 10.56 -10.95 25.43
N GLU E 161 11.67 -10.25 25.62
CA GLU E 161 12.20 -9.42 24.54
C GLU E 161 12.67 -10.27 23.37
N GLU E 162 13.16 -11.48 23.64
CA GLU E 162 13.51 -12.40 22.56
C GLU E 162 12.26 -12.97 21.90
N ALA E 163 11.24 -13.27 22.70
CA ALA E 163 9.99 -13.80 22.14
C ALA E 163 9.25 -12.76 21.32
N TYR E 164 9.34 -11.48 21.70
CA TYR E 164 8.66 -10.44 20.94
C TYR E 164 9.36 -10.19 19.61
N GLU E 165 10.68 -10.28 19.57
CA GLU E 165 11.41 -10.10 18.32
C GLU E 165 11.04 -11.20 17.33
N LYS E 166 10.84 -12.43 17.82
CA LYS E 166 10.33 -13.49 16.96
C LYS E 166 8.86 -13.30 16.64
N TYR E 167 8.11 -12.63 17.52
CA TYR E 167 6.70 -12.39 17.28
C TYR E 167 6.47 -11.43 16.12
N ILE E 168 7.28 -10.37 16.05
CA ILE E 168 7.09 -9.37 15.00
C ILE E 168 7.71 -9.79 13.67
N LYS E 169 8.63 -10.74 13.68
CA LYS E 169 9.29 -11.21 12.47
C LYS E 169 8.70 -12.51 11.93
N SER E 170 7.76 -13.12 12.66
CA SER E 170 7.12 -14.37 12.25
C SER E 170 8.16 -15.48 12.07
N ILE E 171 9.02 -15.65 13.06
CA ILE E 171 10.04 -16.69 13.03
C ILE E 171 9.94 -17.56 14.28
N LEU F 48 -25.63 -31.89 33.40
CA LEU F 48 -25.51 -31.51 32.00
C LEU F 48 -25.90 -30.06 31.80
N SER F 49 -24.90 -29.22 31.49
CA SER F 49 -25.13 -27.79 31.29
C SER F 49 -25.37 -27.50 29.81
N VAL F 50 -25.59 -26.22 29.50
CA VAL F 50 -25.77 -25.82 28.10
C VAL F 50 -24.44 -25.91 27.37
N ARG F 51 -24.53 -26.04 26.04
CA ARG F 51 -23.35 -26.18 25.21
C ARG F 51 -22.86 -24.83 24.73
N LYS F 52 -21.54 -24.71 24.62
CA LYS F 52 -20.88 -23.51 24.12
C LYS F 52 -20.05 -23.85 22.89
N PHE F 53 -20.03 -22.92 21.93
CA PHE F 53 -19.39 -23.15 20.65
C PHE F 53 -18.12 -22.31 20.52
N THR F 54 -17.27 -22.73 19.59
CA THR F 54 -16.04 -22.02 19.25
C THR F 54 -16.16 -21.41 17.86
N GLU F 55 -15.12 -20.69 17.45
CA GLU F 55 -15.07 -20.16 16.09
C GLU F 55 -14.72 -21.22 15.06
N LYS F 56 -14.27 -22.40 15.49
CA LYS F 56 -14.00 -23.51 14.60
C LYS F 56 -15.15 -24.52 14.58
N HIS F 57 -16.33 -24.12 15.06
CA HIS F 57 -17.53 -24.95 15.02
C HIS F 57 -17.37 -26.21 15.88
N GLU F 58 -17.01 -26.00 17.15
CA GLU F 58 -16.86 -27.09 18.10
C GLU F 58 -17.69 -26.76 19.33
N TRP F 59 -18.62 -27.64 19.70
CA TRP F 59 -19.42 -27.45 20.89
C TRP F 59 -18.88 -28.30 22.04
N VAL F 60 -19.31 -27.94 23.26
CA VAL F 60 -18.84 -28.64 24.45
C VAL F 60 -19.86 -28.51 25.58
N THR F 61 -20.19 -29.64 26.20
CA THR F 61 -21.04 -29.68 27.39
C THR F 61 -20.24 -30.23 28.56
N THR F 62 -20.64 -29.86 29.77
CA THR F 62 -19.93 -30.27 30.98
C THR F 62 -20.89 -30.94 31.94
N GLU F 63 -20.41 -31.98 32.62
CA GLU F 63 -21.19 -32.68 33.64
C GLU F 63 -20.22 -33.41 34.56
N ASN F 64 -20.30 -33.12 35.86
CA ASN F 64 -19.45 -33.74 36.87
C ASN F 64 -17.96 -33.57 36.56
N GLY F 65 -17.58 -32.43 36.00
CA GLY F 65 -16.18 -32.20 35.69
C GLY F 65 -15.68 -32.92 34.46
N ILE F 66 -16.56 -33.30 33.56
CA ILE F 66 -16.20 -34.00 32.33
C ILE F 66 -16.82 -33.26 31.15
N GLY F 67 -16.00 -32.96 30.14
CA GLY F 67 -16.45 -32.22 28.98
C GLY F 67 -16.64 -33.12 27.78
N THR F 68 -17.81 -33.03 27.18
CA THR F 68 -18.14 -33.77 25.96
C THR F 68 -17.98 -32.84 24.77
N VAL F 69 -17.27 -33.30 23.74
CA VAL F 69 -16.89 -32.47 22.60
C VAL F 69 -17.50 -33.04 21.33
N GLY F 70 -17.93 -32.15 20.44
CA GLY F 70 -18.43 -32.52 19.12
C GLY F 70 -18.41 -31.31 18.22
N ILE F 71 -18.92 -31.49 17.00
CA ILE F 71 -19.01 -30.41 16.03
C ILE F 71 -20.47 -29.99 15.88
N SER F 72 -20.67 -28.73 15.55
CA SER F 72 -22.01 -28.17 15.48
C SER F 72 -22.74 -28.68 14.24
N ASN F 73 -24.06 -28.46 14.22
CA ASN F 73 -24.87 -28.86 13.07
C ASN F 73 -24.50 -28.06 11.83
N PHE F 74 -24.06 -26.81 11.99
CA PHE F 74 -23.63 -26.02 10.85
C PHE F 74 -22.37 -26.58 10.22
N ALA F 75 -21.51 -27.24 11.00
CA ALA F 75 -20.27 -27.79 10.47
C ALA F 75 -20.52 -29.11 9.75
N GLN F 76 -21.36 -29.98 10.31
CA GLN F 76 -21.58 -31.27 9.67
C GLN F 76 -22.34 -31.14 8.36
N GLU F 77 -23.24 -30.15 8.25
CA GLU F 77 -23.91 -29.91 6.98
C GLU F 77 -22.93 -29.40 5.92
N ALA F 78 -21.90 -28.67 6.34
CA ALA F 78 -20.91 -28.15 5.40
C ALA F 78 -19.88 -29.19 5.00
N LEU F 79 -19.67 -30.22 5.83
CA LEU F 79 -18.68 -31.24 5.52
C LEU F 79 -19.26 -32.36 4.66
N GLY F 80 -20.49 -32.78 4.95
CA GLY F 80 -21.13 -33.85 4.22
C GLY F 80 -21.08 -35.17 4.95
N ASP F 81 -21.27 -36.24 4.19
CA ASP F 81 -21.28 -37.59 4.74
C ASP F 81 -19.88 -37.96 5.24
N VAL F 82 -19.72 -38.04 6.56
CA VAL F 82 -18.43 -38.40 7.14
C VAL F 82 -18.18 -39.88 6.91
N VAL F 83 -16.97 -40.21 6.47
CA VAL F 83 -16.60 -41.60 6.23
C VAL F 83 -15.49 -42.08 7.16
N TYR F 84 -14.77 -41.20 7.84
CA TYR F 84 -13.73 -41.61 8.78
C TYR F 84 -13.54 -40.51 9.81
N CYS F 85 -13.34 -40.92 11.06
CA CYS F 85 -13.12 -39.99 12.17
C CYS F 85 -11.78 -40.32 12.81
N SER F 86 -10.80 -39.44 12.61
CA SER F 86 -9.50 -39.58 13.25
C SER F 86 -9.59 -39.02 14.67
N LEU F 87 -9.55 -39.92 15.66
CA LEU F 87 -9.72 -39.51 17.05
C LEU F 87 -8.47 -39.87 17.86
N PRO F 88 -8.13 -39.07 18.87
CA PRO F 88 -6.97 -39.39 19.70
C PRO F 88 -7.27 -40.55 20.64
N GLU F 89 -6.23 -40.98 21.35
CA GLU F 89 -6.34 -42.07 22.30
C GLU F 89 -6.53 -41.53 23.71
N VAL F 90 -7.05 -42.40 24.59
CA VAL F 90 -7.34 -41.98 25.95
C VAL F 90 -6.04 -41.62 26.66
N GLY F 91 -6.15 -40.71 27.64
CA GLY F 91 -5.00 -40.22 28.37
C GLY F 91 -4.23 -39.12 27.69
N THR F 92 -4.56 -38.78 26.45
CA THR F 92 -3.86 -37.72 25.74
C THR F 92 -4.18 -36.37 26.36
N LYS F 93 -3.15 -35.64 26.80
CA LYS F 93 -3.35 -34.31 27.37
C LYS F 93 -3.45 -33.29 26.25
N LEU F 94 -4.43 -32.40 26.34
CA LEU F 94 -4.69 -31.40 25.32
C LEU F 94 -4.67 -30.01 25.92
N ASN F 95 -4.33 -29.03 25.09
CA ASN F 95 -4.38 -27.62 25.45
C ASN F 95 -5.48 -26.93 24.64
N LYS F 96 -5.59 -25.62 24.82
CA LYS F 96 -6.58 -24.85 24.09
C LYS F 96 -6.21 -24.76 22.62
N GLN F 97 -7.18 -25.06 21.75
CA GLN F 97 -7.01 -24.96 20.29
C GLN F 97 -5.88 -25.86 19.80
N ASP F 98 -5.84 -27.09 20.30
CA ASP F 98 -4.87 -28.09 19.85
C ASP F 98 -5.56 -29.08 18.91
N GLU F 99 -4.88 -29.40 17.80
CA GLU F 99 -5.42 -30.34 16.84
C GLU F 99 -5.40 -31.75 17.41
N PHE F 100 -6.52 -32.19 17.98
CA PHE F 100 -6.60 -33.52 18.56
C PHE F 100 -7.08 -34.58 17.57
N GLY F 101 -7.67 -34.17 16.46
CA GLY F 101 -8.13 -35.13 15.48
C GLY F 101 -8.55 -34.44 14.19
N ALA F 102 -9.24 -35.20 13.35
CA ALA F 102 -9.72 -34.69 12.08
C ALA F 102 -10.84 -35.58 11.57
N LEU F 103 -11.80 -34.96 10.87
CA LEU F 103 -12.90 -35.67 10.24
C LEU F 103 -12.69 -35.68 8.73
N GLU F 104 -13.07 -36.78 8.09
CA GLU F 104 -12.98 -36.91 6.64
C GLU F 104 -14.33 -37.27 6.08
N SER F 105 -14.81 -36.47 5.13
CA SER F 105 -16.05 -36.72 4.42
C SER F 105 -15.75 -37.14 2.99
N VAL F 106 -16.81 -37.37 2.22
CA VAL F 106 -16.66 -37.80 0.84
C VAL F 106 -16.12 -36.69 -0.04
N LYS F 107 -16.50 -35.44 0.25
CA LYS F 107 -16.08 -34.28 -0.59
C LYS F 107 -15.33 -33.24 0.18
N ALA F 108 -15.12 -33.47 1.48
CA ALA F 108 -14.44 -32.49 2.32
C ALA F 108 -13.70 -33.15 3.47
N ALA F 109 -12.89 -32.35 4.17
CA ALA F 109 -12.13 -32.80 5.32
C ALA F 109 -11.84 -31.60 6.21
N SER F 110 -12.01 -31.77 7.51
CA SER F 110 -11.82 -30.70 8.47
C SER F 110 -11.10 -31.24 9.69
N GLU F 111 -10.12 -30.46 10.18
CA GLU F 111 -9.41 -30.83 11.39
C GLU F 111 -10.23 -30.45 12.62
N LEU F 112 -9.95 -31.15 13.72
CA LEU F 112 -10.65 -30.97 14.98
C LEU F 112 -9.73 -30.30 16.00
N TYR F 113 -10.22 -29.26 16.65
CA TYR F 113 -9.48 -28.52 17.66
C TYR F 113 -10.22 -28.58 18.99
N SER F 114 -9.49 -28.86 20.05
CA SER F 114 -10.11 -29.02 21.36
C SER F 114 -10.54 -27.66 21.90
N PRO F 115 -11.80 -27.51 22.33
CA PRO F 115 -12.26 -26.22 22.87
C PRO F 115 -11.76 -25.94 24.28
N LEU F 116 -11.14 -26.90 24.94
CA LEU F 116 -10.71 -26.75 26.32
C LEU F 116 -9.30 -27.32 26.47
N SER F 117 -8.81 -27.34 27.71
CA SER F 117 -7.52 -27.90 28.05
C SER F 117 -7.72 -29.00 29.09
N GLY F 118 -7.12 -30.16 28.86
CA GLY F 118 -7.27 -31.26 29.79
C GLY F 118 -6.79 -32.55 29.19
N GLU F 119 -7.22 -33.66 29.79
CA GLU F 119 -6.82 -35.00 29.39
C GLU F 119 -8.02 -35.74 28.81
N VAL F 120 -7.80 -36.42 27.69
CA VAL F 120 -8.88 -37.17 27.04
C VAL F 120 -9.27 -38.35 27.91
N THR F 121 -10.57 -38.50 28.16
CA THR F 121 -11.11 -39.58 28.98
C THR F 121 -11.69 -40.72 28.15
N GLU F 122 -12.48 -40.39 27.12
CA GLU F 122 -13.15 -41.41 26.33
C GLU F 122 -13.42 -40.87 24.94
N ILE F 123 -13.33 -41.74 23.94
CA ILE F 123 -13.70 -41.42 22.58
C ILE F 123 -14.88 -42.29 22.18
N ASN F 124 -15.68 -41.81 21.23
CA ASN F 124 -16.87 -42.51 20.79
C ASN F 124 -16.48 -43.68 19.91
N GLU F 125 -16.69 -44.90 20.40
CA GLU F 125 -16.37 -46.10 19.64
C GLU F 125 -17.40 -46.41 18.56
N ALA F 126 -18.61 -45.84 18.66
CA ALA F 126 -19.63 -46.07 17.64
C ALA F 126 -19.26 -45.43 16.31
N LEU F 127 -18.39 -44.41 16.31
CA LEU F 127 -17.97 -43.78 15.07
C LEU F 127 -17.02 -44.64 14.25
N ALA F 128 -16.49 -45.71 14.83
CA ALA F 128 -15.59 -46.59 14.08
C ALA F 128 -16.33 -47.31 12.96
N GLU F 129 -17.48 -47.92 13.29
CA GLU F 129 -18.28 -48.60 12.29
C GLU F 129 -19.44 -47.78 11.78
N ASN F 130 -19.80 -46.69 12.48
CA ASN F 130 -20.90 -45.81 12.07
C ASN F 130 -20.39 -44.37 12.14
N PRO F 131 -19.59 -43.95 11.15
CA PRO F 131 -19.13 -42.55 11.14
C PRO F 131 -20.23 -41.56 10.80
N GLY F 132 -21.36 -42.03 10.26
CA GLY F 132 -22.46 -41.14 9.92
C GLY F 132 -23.19 -40.55 11.12
N LEU F 133 -22.91 -41.05 12.33
CA LEU F 133 -23.55 -40.48 13.51
C LEU F 133 -23.19 -39.02 13.72
N VAL F 134 -22.07 -38.57 13.15
CA VAL F 134 -21.72 -37.15 13.23
C VAL F 134 -22.71 -36.31 12.43
N ASN F 135 -23.16 -36.82 11.28
CA ASN F 135 -24.13 -36.10 10.46
C ASN F 135 -25.55 -36.25 11.01
N LYS F 136 -25.94 -37.49 11.31
CA LYS F 136 -27.30 -37.77 11.75
C LYS F 136 -27.59 -37.30 13.17
N SER F 137 -26.57 -37.14 14.01
CA SER F 137 -26.78 -36.79 15.40
C SER F 137 -25.54 -36.15 16.01
N CYS F 138 -25.21 -34.94 15.56
CA CYS F 138 -23.98 -34.28 16.00
C CYS F 138 -24.02 -33.87 17.47
N TYR F 139 -25.21 -33.68 18.04
CA TYR F 139 -25.33 -33.21 19.42
C TYR F 139 -25.66 -34.32 20.42
N GLU F 140 -25.94 -35.53 19.96
CA GLU F 140 -26.32 -36.61 20.87
C GLU F 140 -25.37 -37.80 20.76
N ASP F 141 -25.65 -38.70 19.83
CA ASP F 141 -24.86 -39.92 19.68
C ASP F 141 -23.66 -39.76 18.75
N GLY F 142 -23.40 -38.55 18.28
CA GLY F 142 -22.28 -38.32 17.38
C GLY F 142 -21.18 -37.46 18.00
N TRP F 143 -21.10 -37.49 19.33
CA TRP F 143 -20.03 -36.77 20.01
C TRP F 143 -18.67 -37.39 19.66
N LEU F 144 -17.61 -36.61 19.87
CA LEU F 144 -16.28 -37.03 19.47
C LEU F 144 -15.49 -37.58 20.65
N ILE F 145 -15.03 -36.71 21.54
CA ILE F 145 -14.21 -37.12 22.67
C ILE F 145 -14.82 -36.58 23.97
N LYS F 146 -14.42 -37.20 25.07
CA LYS F 146 -14.75 -36.74 26.41
C LYS F 146 -13.44 -36.47 27.14
N MET F 147 -13.33 -35.31 27.80
CA MET F 147 -12.09 -34.90 28.41
C MET F 147 -12.35 -34.21 29.73
N THR F 148 -11.34 -34.22 30.60
CA THR F 148 -11.37 -33.48 31.84
C THR F 148 -11.04 -32.00 31.57
N LEU F 149 -11.29 -31.16 32.56
CA LEU F 149 -11.12 -29.71 32.43
C LEU F 149 -9.98 -29.27 33.34
N SER F 150 -8.88 -28.80 32.74
CA SER F 150 -7.80 -28.22 33.53
C SER F 150 -8.13 -26.80 33.95
N ASN F 151 -8.74 -26.01 33.06
CA ASN F 151 -9.20 -24.66 33.37
C ASN F 151 -10.71 -24.60 33.18
N PRO F 152 -11.50 -24.62 34.26
CA PRO F 152 -12.95 -24.49 34.10
C PRO F 152 -13.38 -23.11 33.63
N SER F 153 -12.51 -22.11 33.74
CA SER F 153 -12.82 -20.75 33.31
C SER F 153 -12.65 -20.55 31.81
N GLU F 154 -12.20 -21.56 31.07
CA GLU F 154 -12.09 -21.46 29.63
C GLU F 154 -13.45 -21.41 28.94
N LEU F 155 -14.53 -21.74 29.65
CA LEU F 155 -15.87 -21.62 29.08
C LEU F 155 -16.27 -20.16 28.88
N ASP F 156 -15.63 -19.23 29.58
CA ASP F 156 -15.93 -17.81 29.39
C ASP F 156 -15.47 -17.31 28.02
N GLU F 157 -14.50 -17.97 27.41
CA GLU F 157 -13.97 -17.55 26.11
C GLU F 157 -14.89 -17.92 24.96
N LEU F 158 -15.76 -18.92 25.14
CA LEU F 158 -16.57 -19.44 24.06
C LEU F 158 -17.85 -18.62 23.90
N MET F 159 -18.71 -19.05 22.97
CA MET F 159 -19.97 -18.40 22.66
C MET F 159 -21.13 -19.20 23.22
N SER F 160 -22.28 -18.54 23.30
CA SER F 160 -23.51 -19.20 23.74
C SER F 160 -24.25 -19.75 22.52
N GLU F 161 -25.46 -20.27 22.74
CA GLU F 161 -26.27 -20.74 21.61
C GLU F 161 -26.68 -19.58 20.71
N GLU F 162 -26.94 -18.40 21.27
CA GLU F 162 -27.34 -17.26 20.47
C GLU F 162 -26.15 -16.61 19.77
N ALA F 163 -25.01 -16.55 20.45
CA ALA F 163 -23.84 -15.88 19.88
C ALA F 163 -23.27 -16.66 18.70
N TYR F 164 -23.29 -18.00 18.78
CA TYR F 164 -22.81 -18.81 17.66
C TYR F 164 -23.72 -18.67 16.45
N GLU F 165 -25.02 -18.41 16.68
CA GLU F 165 -25.94 -18.24 15.56
C GLU F 165 -25.70 -16.93 14.84
N LYS F 166 -25.42 -15.85 15.59
CA LYS F 166 -25.04 -14.59 14.98
C LYS F 166 -23.66 -14.66 14.34
N TYR F 167 -22.82 -15.59 14.78
CA TYR F 167 -21.47 -15.71 14.24
C TYR F 167 -21.47 -16.37 12.86
N ILE F 168 -22.27 -17.42 12.68
CA ILE F 168 -22.29 -18.14 11.41
C ILE F 168 -23.16 -17.44 10.37
N LYS F 169 -24.08 -16.58 10.79
CA LYS F 169 -24.96 -15.87 9.88
C LYS F 169 -24.51 -14.44 9.62
N SER F 170 -23.42 -14.00 10.25
CA SER F 170 -22.87 -12.66 10.07
C SER F 170 -23.90 -11.59 10.40
N ILE F 171 -24.62 -11.78 11.50
CA ILE F 171 -25.61 -10.80 11.96
C ILE F 171 -24.90 -9.73 12.78
N GLU F 172 -25.22 -8.47 12.50
CA GLU F 172 -24.51 -7.33 13.07
C GLU F 172 -24.76 -7.25 14.57
N GLU F 173 -23.80 -7.74 15.35
CA GLU F 173 -23.85 -7.63 16.81
C GLU F 173 -22.48 -7.93 17.41
#